data_7TMW
#
_entry.id   7TMW
#
_cell.length_a   1.00
_cell.length_b   1.00
_cell.length_c   1.00
_cell.angle_alpha   90.00
_cell.angle_beta   90.00
_cell.angle_gamma   90.00
#
_symmetry.space_group_name_H-M   'P 1'
#
loop_
_entity.id
_entity.type
_entity.pdbx_description
1 polymer 'Relaxin receptor 1, Guanine nucleotide-binding protein G(s) subunit alpha isoforms short fusion'
2 polymer 'Guanine nucleotide-binding protein G(I)/G(S)/G(T) subunit beta-1'
3 polymer 'Guanine nucleotide-binding protein G(I)/G(S)/G(O) subunit gamma-2'
4 polymer 'Camelid antibody VHH fragment Nb35'
#
loop_
_entity_poly.entity_id
_entity_poly.type
_entity_poly.pdbx_seq_one_letter_code
_entity_poly.pdbx_strand_id
1 'polypeptide(L)'
;DYKDDDDGGSLEVLFQGPGGSQDVKCSLGYFPCGNITKCLPQLLHCNGVDDCGNQADEDNCGDNNGWSLQFDKYFASYYK
MTSQYPFEAETPECLVGSVPVQCLCQGLELDCDETNLRAVPSVSSNVTAMSLQWNLIRKLPPDCFKNYHDLQKLYLQNNK
ITSISIYAFRGLNSLTKLYLSHNRITFLKPGVFEDLHRLEWLIIEDNHLSRISPPTFYGLNSLILLVLMNNVLTRLPDKP
LCQHMPRLHWLDLEGNHIHNLRNLTFISCSNLTVLVMRKNKINHLNENTFAPLQKLDELDLGSNKIENLPPLIFKDLKEL
SQLNLSYNPIQKIQANQFDYLVKLKSLSLEGIEISNIQQRMFRPLMNLSHIYFKKFQYCGYAPHVRSCKPNTDGISSLEN
LLASIIQRVFVWVVSAVTCFGNIFVICMRPYIRSENKLYAMSIISLCCADCLMGIYLFVIGGFDLKFRGEYNKHAQLWME
STHCQLVGSLAILSTEVSVLLLTFLTLEKYICIVYPFRCVRPGKCRTITVLILIWITGFIVAFIPLSNKEFFKNYYGTNG
VCFPLHSEDTESIGAQIYSVAIFLGINLAAFIIIVFSYGSMFYSVHQSAITATEIRNQVKKEMILAKRFFFIVFTDALCW
IPIFVVKFLSLLQVEIPGTITSWVVIFILPINSALNPILYTLTTRPFKEMIHRFWYNYRQRKSMDSKGQKTYAPSFIWVE
MWPLQEMPPELMKPDLNSKTEDQRNEEKAQREANKKIEKQLQKDKQVYRATHRLLLLGADNSGKSTIVKQMRIYHGGSGG
SGGTSGIFETKFQVDKVNFHMFDVGGQRDERRKWIQCFNDVTAIIFVVDSSDYNRLQEALNLFKSIWNNRWLRTISVILF
LNKQDLLAEKVLAGKSKIEDYFPEFARYTTPEDATPEPGEDPRVTRAKYFIRDEFLRISTASGDGRHYCYPHFTCAVDTE
NARRIFNDCRDIIQRMHLRQYELL
;
R
2 'polypeptide(L)'
;MHHHHHHGSSGSELDQLRQEAEQLKNQIRDARKACADATLSQITNNIDPVGRIQMRTRRTLRGHLAKIYAMHWGTDSRLL
VSASQDGKLIIWDSYTTNKVHAIPLRSSWVMTCAYAPSGNYVACGGLDNICSIYNLKTREGNVRVSRELAGHTGYLSCCR
FLDDNQIVTSSGDTTCALWDIETGQQTTTFTGHTGDVMSLSLAPDTRLFVSGACDASAKLWDVREGMCRQTFTGHESDIN
AICFFPNGNAFATGSDDATCRLFDLRADQELMTYSHDNIICGITSVSFSKSGRLLLAGYDDFNCNVWDALKADRAGVLAG
HDNRVSCLGVTDDGMAVATGSWDSFLKIWN
;
B
3 'polypeptide(L)' MASNNTASIAQARKLVEQLKMEANIDRIKVSKAAADLMAYCEAHAKEDPLLTPVPASENPFREKKFFCAIL C
4 'polypeptide(L)'
;QVQLQESGGGLVQPGGSLRLSCAASGFTFSNYKMNWVRQAPGKGLEWVSDISQSGASISYTGSVKGRFTISRDNAKNTLY
LQMNSLKPEDTAVYYCARCPAPFTRDCFDVTSTTYAYRGQGTQVTVSSLEVLFQGPGHHHHHHHHGSEDQVDPRLIDGK
;
N
#
# COMPACT_ATOMS: atom_id res chain seq x y z
N GLU A 399 -53.18 25.36 16.02
CA GLU A 399 -52.97 25.31 17.46
C GLU A 399 -51.55 24.85 17.79
N ASN A 400 -50.94 24.13 16.85
CA ASN A 400 -49.59 23.64 17.01
C ASN A 400 -48.81 23.88 15.73
N LEU A 401 -47.51 24.15 15.88
CA LEU A 401 -46.65 24.32 14.71
C LEU A 401 -46.56 23.03 13.91
N LEU A 402 -46.41 21.89 14.59
CA LEU A 402 -46.46 20.57 13.98
C LEU A 402 -47.64 19.86 14.62
N ALA A 403 -48.83 20.05 14.03
CA ALA A 403 -50.06 19.56 14.65
C ALA A 403 -50.08 18.04 14.73
N SER A 404 -49.65 17.37 13.66
CA SER A 404 -49.68 15.92 13.65
C SER A 404 -48.57 15.35 14.53
N ILE A 405 -48.90 14.30 15.28
CA ILE A 405 -47.91 13.68 16.15
C ILE A 405 -46.82 13.01 15.34
N ILE A 406 -47.16 12.52 14.14
CA ILE A 406 -46.17 11.94 13.24
C ILE A 406 -45.10 12.96 12.91
N GLN A 407 -45.50 14.22 12.70
CA GLN A 407 -44.56 15.29 12.40
C GLN A 407 -43.55 15.44 13.53
N ARG A 408 -44.03 15.56 14.77
CA ARG A 408 -43.14 15.79 15.90
C ARG A 408 -42.21 14.60 16.12
N VAL A 409 -42.75 13.38 16.08
CA VAL A 409 -41.92 12.22 16.39
C VAL A 409 -40.84 12.04 15.32
N PHE A 410 -41.17 12.24 14.04
CA PHE A 410 -40.13 12.11 13.03
C PHE A 410 -39.20 13.31 12.98
N VAL A 411 -39.62 14.51 13.38
CA VAL A 411 -38.66 15.61 13.51
C VAL A 411 -37.60 15.25 14.55
N TRP A 412 -38.03 14.78 15.72
CA TRP A 412 -37.06 14.40 16.74
C TRP A 412 -36.17 13.26 16.26
N VAL A 413 -36.77 12.26 15.60
CA VAL A 413 -36.02 11.09 15.15
C VAL A 413 -34.97 11.50 14.11
N VAL A 414 -35.37 12.30 13.12
CA VAL A 414 -34.44 12.65 12.05
C VAL A 414 -33.38 13.63 12.54
N SER A 415 -33.72 14.51 13.49
CA SER A 415 -32.70 15.38 14.07
C SER A 415 -31.66 14.57 14.84
N ALA A 416 -32.12 13.60 15.64
CA ALA A 416 -31.19 12.73 16.37
C ALA A 416 -30.32 11.92 15.41
N VAL A 417 -30.93 11.40 14.34
CA VAL A 417 -30.18 10.59 13.38
C VAL A 417 -29.12 11.43 12.68
N THR A 418 -29.50 12.63 12.25
CA THR A 418 -28.55 13.52 11.59
C THR A 418 -27.39 13.88 12.51
N CYS A 419 -27.70 14.28 13.75
CA CYS A 419 -26.67 14.68 14.69
C CYS A 419 -25.73 13.52 15.01
N PHE A 420 -26.29 12.32 15.24
CA PHE A 420 -25.47 11.16 15.56
C PHE A 420 -24.60 10.76 14.38
N GLY A 421 -25.15 10.77 13.17
CA GLY A 421 -24.37 10.41 12.00
C GLY A 421 -23.22 11.37 11.75
N ASN A 422 -23.48 12.67 11.88
CA ASN A 422 -22.42 13.64 11.66
C ASN A 422 -21.38 13.62 12.77
N ILE A 423 -21.80 13.37 14.02
CA ILE A 423 -20.84 13.22 15.10
C ILE A 423 -19.95 12.00 14.85
N PHE A 424 -20.54 10.89 14.40
CA PHE A 424 -19.74 9.72 14.08
C PHE A 424 -18.79 9.98 12.92
N VAL A 425 -19.24 10.74 11.91
CA VAL A 425 -18.37 11.07 10.79
C VAL A 425 -17.20 11.91 11.25
N ILE A 426 -17.45 12.90 12.10
CA ILE A 426 -16.36 13.72 12.64
C ILE A 426 -15.39 12.88 13.44
N CYS A 427 -15.91 11.94 14.23
CA CYS A 427 -15.04 11.13 15.08
C CYS A 427 -14.25 10.10 14.28
N MET A 428 -14.77 9.63 13.15
CA MET A 428 -14.16 8.53 12.43
C MET A 428 -13.38 8.93 11.18
N ARG A 429 -13.63 10.10 10.61
CA ARG A 429 -12.96 10.48 9.36
C ARG A 429 -11.45 10.62 9.49
N PRO A 430 -10.89 11.29 10.51
CA PRO A 430 -9.41 11.34 10.60
C PRO A 430 -8.76 9.98 10.78
N TYR A 431 -9.49 8.98 11.26
CA TYR A 431 -8.93 7.65 11.40
C TYR A 431 -8.76 6.94 10.07
N ILE A 432 -9.40 7.42 9.00
CA ILE A 432 -9.26 6.81 7.69
C ILE A 432 -8.57 7.78 6.74
N GLU A 435 -6.16 8.01 2.78
CA GLU A 435 -6.00 7.99 1.33
C GLU A 435 -5.70 9.39 0.79
N ASN A 436 -6.76 10.19 0.62
CA ASN A 436 -6.65 11.55 0.11
C ASN A 436 -7.07 12.52 1.19
N LYS A 437 -6.22 13.51 1.47
CA LYS A 437 -6.51 14.48 2.53
C LYS A 437 -7.58 15.49 2.10
N LEU A 438 -7.54 15.93 0.85
CA LEU A 438 -8.52 16.90 0.36
C LEU A 438 -9.92 16.32 0.38
N TYR A 439 -10.07 15.07 -0.04
CA TYR A 439 -11.37 14.40 0.03
C TYR A 439 -11.85 14.28 1.47
N ALA A 440 -10.93 13.97 2.39
CA ALA A 440 -11.31 13.84 3.79
C ALA A 440 -11.81 15.17 4.37
N MET A 441 -11.11 16.25 4.06
CA MET A 441 -11.54 17.55 4.60
C MET A 441 -12.81 18.04 3.94
N SER A 442 -13.02 17.71 2.66
CA SER A 442 -14.29 18.03 2.02
C SER A 442 -15.43 17.24 2.66
N ILE A 443 -15.16 15.99 3.04
CA ILE A 443 -16.15 15.20 3.77
C ILE A 443 -16.45 15.84 5.12
N ILE A 444 -15.42 16.37 5.78
CA ILE A 444 -15.63 17.08 7.04
C ILE A 444 -16.53 18.29 6.83
N SER A 445 -16.30 19.05 5.76
CA SER A 445 -17.14 20.22 5.49
C SER A 445 -18.58 19.82 5.20
N LEU A 446 -18.77 18.76 4.42
CA LEU A 446 -20.12 18.26 4.15
C LEU A 446 -20.81 17.82 5.44
N CYS A 447 -20.05 17.17 6.33
CA CYS A 447 -20.57 16.79 7.63
C CYS A 447 -20.97 18.00 8.45
N CYS A 448 -20.17 19.07 8.38
CA CYS A 448 -20.51 20.29 9.11
C CYS A 448 -21.81 20.90 8.59
N ALA A 449 -22.00 20.92 7.28
CA ALA A 449 -23.25 21.41 6.72
C ALA A 449 -24.43 20.54 7.16
N ASP A 450 -24.25 19.22 7.15
CA ASP A 450 -25.33 18.33 7.55
C ASP A 450 -25.70 18.51 9.02
N CYS A 451 -24.70 18.66 9.88
CA CYS A 451 -25.03 18.84 11.30
C CYS A 451 -25.59 20.23 11.57
N LEU A 452 -25.26 21.22 10.74
CA LEU A 452 -25.95 22.50 10.83
C LEU A 452 -27.43 22.35 10.49
N MET A 453 -27.75 21.57 9.46
CA MET A 453 -29.15 21.29 9.16
C MET A 453 -29.83 20.54 10.32
N GLY A 454 -29.10 19.61 10.94
CA GLY A 454 -29.65 18.93 12.11
C GLY A 454 -29.91 19.87 13.26
N ILE A 455 -29.02 20.84 13.47
CA ILE A 455 -29.23 21.85 14.52
C ILE A 455 -30.44 22.70 14.19
N TYR A 456 -30.65 22.99 12.92
CA TYR A 456 -31.86 23.71 12.50
C TYR A 456 -33.11 22.91 12.83
N LEU A 457 -33.08 21.61 12.56
CA LEU A 457 -34.23 20.76 12.88
C LEU A 457 -34.47 20.74 14.39
N PHE A 458 -33.39 20.66 15.16
CA PHE A 458 -33.51 20.66 16.62
C PHE A 458 -34.11 21.97 17.13
N VAL A 459 -33.70 23.10 16.58
CA VAL A 459 -34.21 24.37 17.08
C VAL A 459 -35.66 24.58 16.64
N ILE A 460 -36.05 24.08 15.47
CA ILE A 460 -37.47 24.11 15.10
C ILE A 460 -38.28 23.24 16.04
N GLY A 461 -37.77 22.06 16.39
CA GLY A 461 -38.46 21.24 17.38
C GLY A 461 -38.58 21.92 18.73
N GLY A 462 -37.52 22.61 19.15
CA GLY A 462 -37.56 23.32 20.42
C GLY A 462 -38.55 24.46 20.42
N PHE A 463 -38.63 25.22 19.31
CA PHE A 463 -39.61 26.29 19.21
C PHE A 463 -41.03 25.72 19.15
N ASP A 464 -41.22 24.58 18.49
CA ASP A 464 -42.54 23.96 18.45
C ASP A 464 -42.97 23.50 19.84
N LEU A 465 -42.07 22.88 20.59
CA LEU A 465 -42.40 22.48 21.96
C LEU A 465 -42.48 23.66 22.91
N LYS A 466 -41.90 24.81 22.54
CA LYS A 466 -42.02 26.00 23.37
C LYS A 466 -43.45 26.49 23.42
N PHE A 467 -44.15 26.44 22.29
CA PHE A 467 -45.54 26.86 22.19
C PHE A 467 -46.36 25.68 21.69
N ARG A 468 -46.80 24.83 22.62
CA ARG A 468 -47.64 23.68 22.31
C ARG A 468 -49.06 24.00 22.75
N GLY A 469 -49.95 24.23 21.78
CA GLY A 469 -51.32 24.59 22.06
C GLY A 469 -51.56 26.08 22.18
N GLU A 470 -50.51 26.88 22.36
CA GLU A 470 -50.63 28.33 22.43
C GLU A 470 -49.94 29.01 21.26
N TYR A 471 -49.66 28.26 20.19
CA TYR A 471 -48.95 28.81 19.03
C TYR A 471 -49.79 29.85 18.28
N ASN A 472 -51.11 29.82 18.44
CA ASN A 472 -51.96 30.77 17.73
C ASN A 472 -51.72 32.20 18.19
N LYS A 473 -51.59 32.41 19.50
CA LYS A 473 -51.34 33.75 20.01
C LYS A 473 -49.96 34.26 19.62
N HIS A 474 -48.96 33.39 19.65
CA HIS A 474 -47.59 33.75 19.33
C HIS A 474 -47.26 33.61 17.86
N ALA A 475 -48.27 33.40 17.00
CA ALA A 475 -48.02 33.15 15.59
C ALA A 475 -47.44 34.38 14.90
N GLN A 476 -48.07 35.53 15.07
CA GLN A 476 -47.59 36.73 14.40
C GLN A 476 -46.27 37.23 15.01
N LEU A 477 -46.05 36.96 16.30
CA LEU A 477 -44.79 37.34 16.92
C LEU A 477 -43.62 36.59 16.28
N TRP A 478 -43.78 35.28 16.06
CA TRP A 478 -42.75 34.53 15.36
C TRP A 478 -42.73 34.87 13.87
N MET A 479 -43.85 35.34 13.34
CA MET A 479 -43.88 35.86 11.98
C MET A 479 -42.95 37.06 11.84
N GLU A 480 -42.92 37.93 12.83
CA GLU A 480 -42.10 39.13 12.77
C GLU A 480 -40.77 39.02 13.52
N SER A 481 -40.58 37.99 14.35
CA SER A 481 -39.38 37.91 15.16
C SER A 481 -38.17 37.54 14.30
N THR A 482 -37.00 38.01 14.75
CA THR A 482 -35.76 37.72 14.03
C THR A 482 -35.37 36.25 14.08
N HIS A 483 -35.90 35.50 15.05
CA HIS A 483 -35.54 34.10 15.19
C HIS A 483 -35.99 33.27 14.00
N CYS A 484 -37.17 33.57 13.45
CA CYS A 484 -37.70 32.78 12.35
C CYS A 484 -36.85 32.92 11.09
N GLN A 485 -36.56 34.16 10.69
CA GLN A 485 -35.69 34.31 9.53
C GLN A 485 -34.25 33.93 9.83
N LEU A 486 -33.82 33.97 11.09
CA LEU A 486 -32.49 33.47 11.43
C LEU A 486 -32.38 31.97 11.19
N VAL A 487 -33.35 31.20 11.69
CA VAL A 487 -33.29 29.75 11.49
C VAL A 487 -33.58 29.39 10.03
N GLY A 488 -34.38 30.20 9.33
CA GLY A 488 -34.54 30.00 7.89
C GLY A 488 -33.24 30.19 7.14
N SER A 489 -32.49 31.25 7.49
CA SER A 489 -31.17 31.45 6.91
C SER A 489 -30.26 30.28 7.22
N LEU A 490 -30.32 29.77 8.44
CA LEU A 490 -29.44 28.66 8.82
C LEU A 490 -29.76 27.41 8.01
N ALA A 491 -31.05 27.10 7.84
CA ALA A 491 -31.44 25.93 7.06
C ALA A 491 -31.04 26.07 5.59
N ILE A 492 -31.30 27.23 5.01
CA ILE A 492 -30.94 27.46 3.61
C ILE A 492 -29.42 27.39 3.43
N LEU A 493 -28.67 27.93 4.39
CA LEU A 493 -27.22 27.84 4.34
C LEU A 493 -26.77 26.39 4.39
N SER A 494 -27.36 25.59 5.28
CA SER A 494 -26.96 24.20 5.39
C SER A 494 -27.22 23.45 4.08
N THR A 495 -28.42 23.62 3.52
CA THR A 495 -28.75 22.92 2.29
C THR A 495 -27.86 23.35 1.14
N GLU A 496 -27.68 24.66 0.96
CA GLU A 496 -26.89 25.16 -0.17
C GLU A 496 -25.42 24.77 -0.05
N VAL A 497 -24.86 24.87 1.16
CA VAL A 497 -23.45 24.51 1.37
C VAL A 497 -23.26 23.02 1.15
N SER A 498 -24.16 22.18 1.66
CA SER A 498 -24.03 20.74 1.46
C SER A 498 -24.13 20.38 -0.02
N VAL A 499 -25.06 21.02 -0.74
CA VAL A 499 -25.21 20.75 -2.17
C VAL A 499 -23.94 21.16 -2.92
N LEU A 500 -23.41 22.35 -2.62
CA LEU A 500 -22.22 22.82 -3.32
C LEU A 500 -21.01 21.94 -3.03
N LEU A 501 -20.84 21.52 -1.78
CA LEU A 501 -19.73 20.64 -1.44
C LEU A 501 -19.87 19.28 -2.12
N LEU A 502 -21.10 18.76 -2.21
CA LEU A 502 -21.32 17.51 -2.92
C LEU A 502 -20.95 17.65 -4.39
N THR A 503 -21.34 18.76 -5.02
CA THR A 503 -20.98 18.96 -6.41
C THR A 503 -19.46 19.07 -6.59
N PHE A 504 -18.79 19.78 -5.68
CA PHE A 504 -17.34 19.91 -5.77
C PHE A 504 -16.65 18.55 -5.62
N LEU A 505 -17.08 17.75 -4.64
CA LEU A 505 -16.49 16.44 -4.43
C LEU A 505 -16.73 15.52 -5.62
N THR A 506 -17.95 15.52 -6.15
CA THR A 506 -18.27 14.65 -7.26
C THR A 506 -17.54 15.08 -8.53
N LEU A 507 -17.36 16.40 -8.73
CA LEU A 507 -16.59 16.87 -9.88
C LEU A 507 -15.12 16.52 -9.74
N GLU A 508 -14.59 16.58 -8.51
CA GLU A 508 -13.21 16.13 -8.30
C GLU A 508 -13.05 14.65 -8.62
N LYS A 509 -14.00 13.83 -8.17
CA LYS A 509 -13.97 12.41 -8.51
C LYS A 509 -14.08 12.20 -10.02
N TYR A 510 -14.94 12.97 -10.68
CA TYR A 510 -15.08 12.85 -12.13
C TYR A 510 -13.78 13.20 -12.85
N ILE A 511 -13.15 14.30 -12.43
CA ILE A 511 -11.92 14.73 -13.10
C ILE A 511 -10.75 13.82 -12.74
N CYS A 512 -10.87 13.02 -11.69
CA CYS A 512 -9.80 12.06 -11.39
C CYS A 512 -10.05 10.70 -12.05
N ILE A 513 -11.29 10.36 -12.34
CA ILE A 513 -11.65 9.06 -12.91
C ILE A 513 -11.75 9.11 -14.42
N VAL A 514 -12.64 9.93 -14.96
CA VAL A 514 -12.90 9.93 -16.40
C VAL A 514 -11.67 10.41 -17.16
N TYR A 515 -10.94 11.38 -16.60
CA TYR A 515 -9.72 11.90 -17.21
C TYR A 515 -8.56 11.67 -16.26
N PRO A 516 -7.87 10.52 -16.35
CA PRO A 516 -6.78 10.16 -15.45
C PRO A 516 -5.42 10.61 -15.96
N PRO A 522 -6.46 18.88 -6.07
CA PRO A 522 -5.83 20.00 -6.77
C PRO A 522 -4.92 20.82 -5.87
N GLY A 523 -4.40 20.20 -4.82
CA GLY A 523 -3.54 20.90 -3.89
C GLY A 523 -4.28 21.36 -2.66
N LYS A 524 -3.53 21.49 -1.55
CA LYS A 524 -4.14 21.93 -0.30
C LYS A 524 -4.65 23.36 -0.39
N CYS A 525 -3.85 24.25 -0.99
CA CYS A 525 -4.23 25.66 -1.06
C CYS A 525 -5.50 25.85 -1.88
N ARG A 526 -5.59 25.17 -3.03
CA ARG A 526 -6.77 25.28 -3.87
C ARG A 526 -7.99 24.68 -3.18
N THR A 527 -7.79 23.58 -2.45
CA THR A 527 -8.89 22.97 -1.71
C THR A 527 -9.43 23.92 -0.64
N ILE A 528 -8.54 24.53 0.13
CA ILE A 528 -8.97 25.49 1.15
C ILE A 528 -9.67 26.67 0.49
N THR A 529 -9.12 27.17 -0.62
CA THR A 529 -9.73 28.31 -1.30
C THR A 529 -11.16 27.99 -1.76
N VAL A 530 -11.34 26.86 -2.44
CA VAL A 530 -12.66 26.54 -2.96
C VAL A 530 -13.63 26.21 -1.82
N LEU A 531 -13.16 25.55 -0.75
CA LEU A 531 -14.04 25.22 0.35
C LEU A 531 -14.52 26.48 1.08
N ILE A 532 -13.59 27.40 1.36
CA ILE A 532 -13.97 28.64 2.02
C ILE A 532 -14.85 29.49 1.11
N LEU A 533 -14.59 29.47 -0.20
CA LEU A 533 -15.44 30.21 -1.13
C LEU A 533 -16.85 29.63 -1.15
N ILE A 534 -16.97 28.30 -1.08
CA ILE A 534 -18.29 27.67 -1.05
C ILE A 534 -19.03 28.06 0.23
N TRP A 535 -18.34 28.04 1.37
CA TRP A 535 -18.97 28.42 2.63
C TRP A 535 -19.41 29.88 2.60
N ILE A 536 -18.56 30.76 2.05
CA ILE A 536 -18.90 32.19 1.98
C ILE A 536 -20.07 32.41 1.03
N THR A 537 -20.12 31.65 -0.07
CA THR A 537 -21.26 31.73 -0.98
C THR A 537 -22.54 31.30 -0.28
N GLY A 538 -22.46 30.25 0.54
CA GLY A 538 -23.61 29.85 1.33
C GLY A 538 -24.07 30.93 2.29
N PHE A 539 -23.11 31.57 2.98
CA PHE A 539 -23.44 32.68 3.88
C PHE A 539 -24.13 33.81 3.14
N ILE A 540 -23.58 34.20 1.99
CA ILE A 540 -24.14 35.30 1.22
C ILE A 540 -25.55 34.98 0.74
N VAL A 541 -25.74 33.76 0.22
CA VAL A 541 -27.05 33.34 -0.27
C VAL A 541 -28.05 33.30 0.87
N ALA A 542 -27.65 32.79 2.03
CA ALA A 542 -28.55 32.71 3.17
C ALA A 542 -28.80 34.06 3.83
N PHE A 543 -27.98 35.08 3.54
CA PHE A 543 -28.13 36.35 4.25
C PHE A 543 -28.58 37.52 3.40
N ILE A 544 -28.61 37.41 2.06
CA ILE A 544 -29.05 38.55 1.25
C ILE A 544 -30.51 38.93 1.51
N PRO A 545 -31.49 37.99 1.55
CA PRO A 545 -32.79 38.38 2.10
C PRO A 545 -32.73 38.95 3.50
N LEU A 546 -31.86 38.42 4.36
CA LEU A 546 -31.79 38.91 5.74
C LEU A 546 -31.20 40.31 5.81
N SER A 547 -30.24 40.64 4.93
CA SER A 547 -29.61 41.96 4.96
C SER A 547 -30.60 43.05 4.54
N ASN A 548 -31.30 42.83 3.43
CA ASN A 548 -32.29 43.79 2.94
C ASN A 548 -33.67 43.38 3.46
N LYS A 549 -33.86 43.63 4.76
CA LYS A 549 -35.09 43.20 5.43
C LYS A 549 -36.31 43.94 4.88
N GLU A 550 -36.17 45.23 4.60
CA GLU A 550 -37.31 46.03 4.17
C GLU A 550 -37.84 45.55 2.81
N PHE A 551 -36.94 45.27 1.87
CA PHE A 551 -37.36 44.88 0.53
C PHE A 551 -37.85 43.44 0.48
N PHE A 552 -37.26 42.56 1.28
CA PHE A 552 -37.56 41.13 1.21
C PHE A 552 -38.74 40.72 2.06
N LYS A 553 -39.41 41.67 2.73
CA LYS A 553 -40.63 41.49 3.51
C LYS A 553 -40.66 40.21 4.34
N ASN A 554 -39.56 39.91 5.03
CA ASN A 554 -39.38 38.67 5.78
C ASN A 554 -39.56 37.46 4.86
N TYR A 555 -38.63 37.35 3.90
CA TYR A 555 -38.67 36.27 2.92
C TYR A 555 -38.64 34.91 3.59
N TYR A 556 -37.84 34.76 4.64
CA TYR A 556 -37.67 33.44 5.25
C TYR A 556 -38.91 33.04 6.03
N GLY A 557 -39.64 34.01 6.58
CA GLY A 557 -40.74 33.72 7.48
C GLY A 557 -42.09 33.55 6.82
N THR A 558 -42.11 33.22 5.53
CA THR A 558 -43.38 33.07 4.82
C THR A 558 -44.24 31.98 5.46
N ASN A 559 -43.74 30.75 5.49
CA ASN A 559 -44.44 29.69 6.17
C ASN A 559 -44.04 29.63 7.64
N GLY A 560 -44.82 28.88 8.42
CA GLY A 560 -44.52 28.73 9.85
C GLY A 560 -43.29 27.92 10.14
N VAL A 561 -42.88 27.05 9.19
CA VAL A 561 -41.68 26.25 9.39
C VAL A 561 -40.43 27.12 9.30
N CYS A 562 -40.55 28.31 8.73
CA CYS A 562 -39.51 29.33 8.51
C CYS A 562 -38.53 28.95 7.41
N PHE A 563 -38.71 27.80 6.76
CA PHE A 563 -37.91 27.46 5.60
C PHE A 563 -38.74 27.81 4.39
N PRO A 564 -38.40 28.85 3.63
CA PRO A 564 -39.30 29.39 2.60
C PRO A 564 -39.26 28.62 1.30
N LEU A 565 -39.70 27.37 1.34
CA LEU A 565 -39.82 26.59 0.10
C LEU A 565 -41.02 27.04 -0.73
N HIS A 566 -42.16 27.26 -0.09
CA HIS A 566 -43.37 27.65 -0.80
C HIS A 566 -43.68 29.13 -0.61
N GLU A 571 -46.77 36.13 0.24
CA GLU A 571 -45.71 35.97 -0.76
C GLU A 571 -46.02 36.79 -2.00
N SER A 572 -44.98 37.35 -2.62
CA SER A 572 -45.13 38.19 -3.80
C SER A 572 -43.97 37.90 -4.74
N ILE A 573 -43.77 38.79 -5.71
CA ILE A 573 -42.73 38.61 -6.71
C ILE A 573 -41.33 38.65 -6.08
N GLY A 574 -41.15 39.49 -5.06
CA GLY A 574 -39.84 39.64 -4.44
C GLY A 574 -39.32 38.40 -3.75
N ALA A 575 -40.20 37.42 -3.49
CA ALA A 575 -39.80 36.17 -2.84
C ALA A 575 -39.73 34.99 -3.80
N GLN A 576 -40.69 34.88 -4.73
CA GLN A 576 -40.72 33.75 -5.65
C GLN A 576 -39.53 33.74 -6.58
N ILE A 577 -39.06 34.92 -6.99
CA ILE A 577 -37.89 34.99 -7.88
C ILE A 577 -36.67 34.41 -7.19
N TYR A 578 -36.43 34.80 -5.94
CA TYR A 578 -35.34 34.24 -5.17
C TYR A 578 -35.51 32.74 -4.96
N SER A 579 -36.74 32.32 -4.64
CA SER A 579 -36.99 30.91 -4.36
C SER A 579 -36.71 30.03 -5.58
N VAL A 580 -37.13 30.48 -6.76
CA VAL A 580 -36.86 29.71 -7.97
C VAL A 580 -35.43 29.90 -8.45
N ALA A 581 -34.76 30.97 -8.01
CA ALA A 581 -33.36 31.15 -8.38
C ALA A 581 -32.44 30.24 -7.57
N ILE A 582 -32.83 29.90 -6.33
CA ILE A 582 -31.98 29.05 -5.52
C ILE A 582 -32.30 27.57 -5.73
N PHE A 583 -33.57 27.19 -5.86
CA PHE A 583 -33.95 25.79 -5.93
C PHE A 583 -34.11 25.33 -7.37
N LEU A 584 -34.96 25.99 -8.15
CA LEU A 584 -35.06 25.68 -9.57
C LEU A 584 -33.87 26.20 -10.35
N GLY A 585 -33.10 27.13 -9.79
CA GLY A 585 -32.00 27.75 -10.50
C GLY A 585 -30.67 27.01 -10.39
N ILE A 586 -30.17 26.81 -9.17
CA ILE A 586 -28.86 26.25 -8.97
C ILE A 586 -28.88 24.85 -8.37
N ASN A 587 -29.96 24.46 -7.68
CA ASN A 587 -30.03 23.12 -7.13
C ASN A 587 -30.33 22.08 -8.21
N LEU A 588 -31.17 22.44 -9.19
CA LEU A 588 -31.44 21.53 -10.30
C LEU A 588 -30.19 21.35 -11.17
N ALA A 589 -29.44 22.43 -11.38
CA ALA A 589 -28.17 22.31 -12.10
C ALA A 589 -27.19 21.43 -11.32
N ALA A 590 -27.20 21.55 -10.00
CA ALA A 590 -26.37 20.68 -9.16
C ALA A 590 -26.76 19.22 -9.31
N PHE A 591 -28.08 18.93 -9.34
CA PHE A 591 -28.55 17.59 -9.62
C PHE A 591 -28.06 17.10 -10.98
N ILE A 592 -28.14 17.96 -12.00
CA ILE A 592 -27.67 17.59 -13.32
C ILE A 592 -26.19 17.23 -13.28
N ILE A 593 -25.39 18.03 -12.57
CA ILE A 593 -23.96 17.75 -12.46
C ILE A 593 -23.71 16.41 -11.78
N ILE A 594 -24.41 16.14 -10.68
CA ILE A 594 -24.18 14.90 -9.94
C ILE A 594 -24.55 13.68 -10.79
N VAL A 595 -25.73 13.72 -11.42
CA VAL A 595 -26.18 12.54 -12.16
C VAL A 595 -25.33 12.35 -13.41
N PHE A 596 -24.96 13.43 -14.10
CA PHE A 596 -24.10 13.30 -15.28
C PHE A 596 -22.71 12.80 -14.89
N SER A 597 -22.20 13.26 -13.76
CA SER A 597 -20.87 12.83 -13.32
C SER A 597 -20.85 11.35 -13.00
N TYR A 598 -21.84 10.86 -12.25
CA TYR A 598 -21.86 9.43 -11.95
C TYR A 598 -22.17 8.58 -13.17
N GLY A 599 -23.00 9.06 -14.09
CA GLY A 599 -23.19 8.34 -15.34
C GLY A 599 -21.92 8.21 -16.14
N SER A 600 -21.15 9.30 -16.23
CA SER A 600 -19.88 9.27 -16.94
C SER A 600 -18.88 8.35 -16.24
N MET A 601 -18.84 8.37 -14.91
CA MET A 601 -17.94 7.49 -14.18
C MET A 601 -18.29 6.02 -14.42
N PHE A 602 -19.58 5.68 -14.36
CA PHE A 602 -20.00 4.31 -14.61
C PHE A 602 -19.66 3.87 -16.02
N TYR A 603 -19.93 4.75 -17.01
CA TYR A 603 -19.63 4.42 -18.39
C TYR A 603 -18.13 4.25 -18.62
N SER A 604 -17.31 5.07 -17.98
CA SER A 604 -15.87 4.97 -18.15
C SER A 604 -15.33 3.72 -17.45
N VAL A 605 -15.90 3.35 -16.30
CA VAL A 605 -15.44 2.17 -15.59
C VAL A 605 -15.77 0.90 -16.38
N HIS A 606 -17.01 0.77 -16.84
CA HIS A 606 -17.36 -0.44 -17.59
C HIS A 606 -16.84 -0.39 -19.03
N GLN A 607 -16.85 0.78 -19.65
CA GLN A 607 -16.39 0.91 -21.03
C GLN A 607 -15.22 1.88 -21.14
N GLU A 622 -17.13 -2.95 -10.76
CA GLU A 622 -17.62 -4.04 -11.57
C GLU A 622 -19.15 -4.05 -11.48
N MET A 623 -19.71 -4.79 -10.52
CA MET A 623 -21.14 -4.68 -10.22
C MET A 623 -21.43 -3.89 -8.95
N ILE A 624 -20.53 -3.92 -7.97
CA ILE A 624 -20.76 -3.18 -6.73
C ILE A 624 -20.69 -1.68 -6.97
N LEU A 625 -19.86 -1.24 -7.91
CA LEU A 625 -19.75 0.18 -8.22
C LEU A 625 -21.06 0.72 -8.77
N ALA A 626 -21.71 -0.04 -9.65
CA ALA A 626 -23.00 0.39 -10.19
C ALA A 626 -24.05 0.48 -9.09
N LYS A 627 -24.06 -0.49 -8.17
CA LYS A 627 -25.00 -0.46 -7.07
C LYS A 627 -24.78 0.75 -6.18
N ARG A 628 -23.52 1.04 -5.84
CA ARG A 628 -23.22 2.20 -5.00
C ARG A 628 -23.62 3.50 -5.68
N PHE A 629 -23.29 3.64 -6.97
CA PHE A 629 -23.69 4.84 -7.70
C PHE A 629 -25.20 4.97 -7.75
N PHE A 630 -25.91 3.86 -7.93
CA PHE A 630 -27.37 3.91 -7.92
C PHE A 630 -27.89 4.36 -6.56
N PHE A 631 -27.28 3.90 -5.47
CA PHE A 631 -27.73 4.35 -4.15
C PHE A 631 -27.49 5.85 -3.96
N ILE A 632 -26.34 6.36 -4.39
CA ILE A 632 -26.07 7.78 -4.21
C ILE A 632 -27.05 8.62 -5.01
N VAL A 633 -27.23 8.28 -6.29
CA VAL A 633 -28.15 9.05 -7.12
C VAL A 633 -29.60 8.88 -6.65
N PHE A 634 -29.95 7.72 -6.09
CA PHE A 634 -31.29 7.53 -5.57
C PHE A 634 -31.54 8.39 -4.34
N THR A 635 -30.55 8.50 -3.45
CA THR A 635 -30.69 9.38 -2.30
C THR A 635 -30.84 10.84 -2.74
N ASP A 636 -30.00 11.25 -3.69
CA ASP A 636 -30.09 12.62 -4.20
C ASP A 636 -31.44 12.89 -4.85
N ALA A 637 -31.93 11.92 -5.63
CA ALA A 637 -33.23 12.08 -6.29
C ALA A 637 -34.35 12.17 -5.26
N LEU A 638 -34.41 11.21 -4.34
CA LEU A 638 -35.46 11.18 -3.34
C LEU A 638 -35.43 12.41 -2.44
N CYS A 639 -34.30 13.09 -2.33
CA CYS A 639 -34.31 14.31 -1.54
C CYS A 639 -34.68 15.55 -2.36
N TRP A 640 -34.20 15.65 -3.61
CA TRP A 640 -34.25 16.93 -4.28
C TRP A 640 -35.16 16.99 -5.51
N ILE A 641 -35.49 15.86 -6.14
CA ILE A 641 -36.43 15.91 -7.25
C ILE A 641 -37.85 16.19 -6.76
N PRO A 642 -38.29 15.79 -5.55
CA PRO A 642 -39.58 16.33 -5.07
C PRO A 642 -39.55 17.83 -4.83
N ILE A 643 -38.42 18.38 -4.40
CA ILE A 643 -38.30 19.83 -4.25
C ILE A 643 -38.46 20.50 -5.61
N PHE A 644 -37.82 19.94 -6.64
CA PHE A 644 -37.99 20.45 -8.00
C PHE A 644 -39.45 20.36 -8.43
N VAL A 645 -40.11 19.25 -8.10
CA VAL A 645 -41.51 19.07 -8.49
C VAL A 645 -42.40 20.11 -7.82
N VAL A 646 -42.23 20.30 -6.52
CA VAL A 646 -43.11 21.22 -5.79
C VAL A 646 -42.84 22.66 -6.21
N LYS A 647 -41.57 23.00 -6.50
CA LYS A 647 -41.29 24.34 -7.01
C LYS A 647 -41.87 24.53 -8.40
N PHE A 648 -41.89 23.46 -9.21
CA PHE A 648 -42.48 23.55 -10.53
C PHE A 648 -43.99 23.79 -10.45
N LEU A 649 -44.68 23.08 -9.56
CA LEU A 649 -46.11 23.31 -9.39
C LEU A 649 -46.38 24.70 -8.83
N SER A 650 -45.57 25.16 -7.87
CA SER A 650 -45.76 26.49 -7.32
C SER A 650 -45.57 27.57 -8.38
N LEU A 651 -44.57 27.39 -9.25
CA LEU A 651 -44.37 28.34 -10.33
C LEU A 651 -45.41 28.20 -11.43
N LEU A 652 -46.11 27.07 -11.49
CA LEU A 652 -47.13 26.84 -12.50
C LEU A 652 -48.53 27.20 -12.02
N GLN A 653 -48.62 27.98 -10.94
CA GLN A 653 -49.90 28.41 -10.36
C GLN A 653 -50.79 27.23 -9.99
N VAL A 654 -50.19 26.16 -9.49
CA VAL A 654 -50.91 24.99 -8.99
C VAL A 654 -51.00 25.11 -7.48
N GLU A 655 -52.21 25.00 -6.95
CA GLU A 655 -52.43 25.27 -5.54
C GLU A 655 -51.87 24.14 -4.68
N ILE A 656 -50.96 24.48 -3.77
CA ILE A 656 -50.42 23.55 -2.79
C ILE A 656 -50.40 24.25 -1.44
N PRO A 657 -51.25 23.85 -0.50
CA PRO A 657 -51.26 24.48 0.82
C PRO A 657 -49.96 24.25 1.58
N GLY A 658 -49.67 25.17 2.51
CA GLY A 658 -48.41 25.20 3.23
C GLY A 658 -48.15 24.00 4.12
N THR A 659 -49.20 23.26 4.48
CA THR A 659 -48.96 22.05 5.26
C THR A 659 -48.24 20.98 4.44
N ILE A 660 -48.47 20.93 3.13
CA ILE A 660 -47.77 19.96 2.29
C ILE A 660 -46.28 20.24 2.24
N THR A 661 -45.91 21.51 2.07
CA THR A 661 -44.48 21.83 2.15
C THR A 661 -43.97 21.74 3.58
N SER A 662 -44.85 21.78 4.58
CA SER A 662 -44.41 21.46 5.94
C SER A 662 -43.95 20.01 6.02
N TRP A 663 -44.75 19.06 5.51
CA TRP A 663 -44.26 17.69 5.45
C TRP A 663 -43.01 17.57 4.60
N VAL A 664 -42.93 18.35 3.52
CA VAL A 664 -41.77 18.27 2.64
C VAL A 664 -40.50 18.65 3.38
N VAL A 665 -40.55 19.74 4.16
CA VAL A 665 -39.38 20.12 4.95
C VAL A 665 -39.11 19.10 6.05
N ILE A 666 -40.17 18.55 6.65
CA ILE A 666 -39.99 17.68 7.82
C ILE A 666 -39.36 16.34 7.42
N PHE A 667 -39.88 15.71 6.37
CA PHE A 667 -39.51 14.34 6.03
C PHE A 667 -38.37 14.25 5.02
N ILE A 668 -38.56 14.80 3.83
CA ILE A 668 -37.70 14.46 2.71
C ILE A 668 -36.51 15.39 2.52
N LEU A 669 -36.58 16.62 3.01
CA LEU A 669 -35.44 17.53 2.94
C LEU A 669 -34.22 17.08 3.75
N PRO A 670 -34.36 16.62 5.00
CA PRO A 670 -33.17 16.22 5.77
C PRO A 670 -32.54 14.90 5.34
N ILE A 671 -32.97 14.31 4.22
CA ILE A 671 -32.49 12.99 3.82
C ILE A 671 -30.98 12.99 3.69
N ASN A 672 -30.43 13.96 2.95
CA ASN A 672 -28.99 14.11 2.87
C ASN A 672 -28.36 14.18 4.26
N SER A 673 -28.91 15.03 5.12
CA SER A 673 -28.36 15.20 6.46
C SER A 673 -28.41 13.91 7.28
N ALA A 674 -29.24 12.95 6.87
CA ALA A 674 -29.23 11.65 7.50
C ALA A 674 -28.37 10.64 6.74
N LEU A 675 -28.34 10.71 5.41
CA LEU A 675 -27.75 9.63 4.62
C LEU A 675 -26.32 9.91 4.15
N ASN A 676 -25.98 11.15 3.81
CA ASN A 676 -24.58 11.45 3.49
C ASN A 676 -23.60 11.08 4.61
N PRO A 677 -23.89 11.32 5.89
CA PRO A 677 -22.98 10.79 6.92
C PRO A 677 -22.81 9.29 6.88
N ILE A 678 -23.87 8.54 6.56
CA ILE A 678 -23.75 7.09 6.55
C ILE A 678 -23.36 6.54 5.18
N LEU A 679 -23.52 7.31 4.11
CA LEU A 679 -23.21 6.81 2.78
C LEU A 679 -21.72 6.92 2.47
N TYR A 680 -21.19 8.14 2.45
CA TYR A 680 -19.80 8.35 2.06
C TYR A 680 -18.83 7.87 3.11
N THR A 681 -19.28 7.65 4.34
CA THR A 681 -18.39 7.29 5.43
C THR A 681 -18.65 5.92 6.02
N LEU A 682 -19.90 5.55 6.28
CA LEU A 682 -20.20 4.32 7.01
C LEU A 682 -20.34 3.10 6.10
N THR A 683 -20.79 3.26 4.87
CA THR A 683 -21.00 2.13 3.98
C THR A 683 -19.83 1.88 3.03
N THR A 684 -18.68 2.49 3.28
CA THR A 684 -17.54 2.30 2.39
C THR A 684 -16.56 1.28 2.96
N ARG A 685 -15.74 0.71 2.06
CA ARG A 685 -14.78 -0.31 2.47
C ARG A 685 -13.71 0.19 3.45
N PRO A 686 -13.09 1.37 3.28
CA PRO A 686 -12.12 1.82 4.30
C PRO A 686 -12.72 1.99 5.68
N PHE A 687 -14.03 2.22 5.79
CA PHE A 687 -14.66 2.22 7.11
C PHE A 687 -14.56 0.85 7.76
N LYS A 688 -14.84 -0.21 6.99
CA LYS A 688 -14.70 -1.56 7.51
C LYS A 688 -13.24 -1.88 7.82
N GLU A 689 -12.32 -1.35 6.99
CA GLU A 689 -10.90 -1.54 7.27
C GLU A 689 -10.51 -0.89 8.60
N MET A 690 -11.00 0.32 8.85
CA MET A 690 -10.73 1.00 10.11
C MET A 690 -11.36 0.26 11.29
N ILE A 691 -12.56 -0.29 11.08
CA ILE A 691 -13.22 -1.05 12.14
C ILE A 691 -12.39 -2.29 12.49
N HIS A 692 -11.91 -3.00 11.47
CA HIS A 692 -11.07 -4.17 11.71
C HIS A 692 -9.74 -3.78 12.37
N ARG A 693 -9.18 -2.64 11.97
CA ARG A 693 -7.95 -2.16 12.59
C ARG A 693 -8.16 -1.84 14.07
N PHE A 694 -9.29 -1.21 14.39
CA PHE A 694 -9.60 -0.93 15.80
C PHE A 694 -9.82 -2.23 16.58
N TRP A 695 -10.47 -3.22 15.96
CA TRP A 695 -10.66 -4.50 16.61
C TRP A 695 -9.33 -5.18 16.88
N TYR A 696 -8.40 -5.12 15.92
CA TYR A 696 -7.07 -5.68 16.12
C TYR A 696 -6.32 -4.94 17.22
N ASN A 697 -6.44 -3.60 17.25
CA ASN A 697 -5.80 -2.83 18.31
C ASN A 697 -6.41 -3.12 19.66
N TYR A 698 -7.73 -3.28 19.73
CA TYR A 698 -8.40 -3.59 20.98
C TYR A 698 -8.21 -5.05 21.36
N GLN A 743 19.89 36.32 14.66
CA GLN A 743 19.08 35.15 14.95
C GLN A 743 17.85 35.10 14.05
N ARG A 744 17.09 36.20 14.04
CA ARG A 744 15.88 36.26 13.23
C ARG A 744 16.21 36.21 11.74
N ASN A 745 17.40 36.71 11.36
CA ASN A 745 17.84 36.61 9.97
C ASN A 745 18.01 35.14 9.56
N GLU A 746 18.54 34.32 10.47
CA GLU A 746 18.65 32.89 10.18
C GLU A 746 17.28 32.25 9.98
N GLU A 747 16.31 32.63 10.82
CA GLU A 747 14.95 32.09 10.68
C GLU A 747 14.31 32.52 9.36
N LYS A 748 14.49 33.78 8.96
CA LYS A 748 13.90 34.22 7.70
C LYS A 748 14.61 33.59 6.50
N ALA A 749 15.93 33.37 6.60
CA ALA A 749 16.63 32.65 5.55
C ALA A 749 16.15 31.21 5.44
N GLN A 750 15.91 30.57 6.59
CA GLN A 750 15.37 29.21 6.58
C GLN A 750 13.96 29.20 6.00
N ARG A 751 13.17 30.24 6.27
CA ARG A 751 11.83 30.32 5.69
C ARG A 751 11.89 30.47 4.17
N GLU A 752 12.81 31.30 3.68
CA GLU A 752 12.97 31.44 2.24
C GLU A 752 13.45 30.14 1.61
N ALA A 753 14.38 29.45 2.26
CA ALA A 753 14.83 28.16 1.77
C ALA A 753 13.71 27.14 1.77
N ASN A 754 12.86 27.17 2.80
CA ASN A 754 11.69 26.29 2.85
C ASN A 754 10.72 26.59 1.73
N LYS A 755 10.51 27.86 1.40
CA LYS A 755 9.63 28.21 0.29
C LYS A 755 10.18 27.68 -1.03
N LYS A 756 11.49 27.88 -1.26
CA LYS A 756 12.10 27.40 -2.48
C LYS A 756 12.06 25.87 -2.57
N ILE A 757 12.36 25.20 -1.45
CA ILE A 757 12.33 23.74 -1.41
C ILE A 757 10.90 23.23 -1.58
N GLU A 758 9.92 23.96 -1.04
CA GLU A 758 8.54 23.55 -1.17
C GLU A 758 8.05 23.66 -2.61
N LYS A 759 8.44 24.72 -3.32
CA LYS A 759 8.07 24.78 -4.74
C LYS A 759 8.84 23.74 -5.56
N GLN A 760 10.09 23.45 -5.17
CA GLN A 760 10.84 22.39 -5.82
C GLN A 760 10.16 21.05 -5.62
N LEU A 761 9.66 20.78 -4.41
CA LEU A 761 8.95 19.54 -4.15
C LEU A 761 7.57 19.52 -4.78
N GLN A 762 6.97 20.68 -5.00
CA GLN A 762 5.75 20.72 -5.81
C GLN A 762 6.01 20.24 -7.23
N LYS A 763 7.07 20.78 -7.85
CA LYS A 763 7.44 20.33 -9.19
C LYS A 763 7.84 18.86 -9.18
N ASP A 764 8.56 18.43 -8.14
CA ASP A 764 8.97 17.04 -8.01
C ASP A 764 7.77 16.10 -7.86
N LYS A 765 6.75 16.51 -7.11
CA LYS A 765 5.56 15.69 -6.95
C LYS A 765 4.78 15.59 -8.25
N GLN A 766 4.67 16.71 -8.97
CA GLN A 766 4.03 16.65 -10.29
C GLN A 766 4.78 15.70 -11.22
N VAL A 767 6.12 15.77 -11.22
CA VAL A 767 6.92 14.89 -12.05
C VAL A 767 6.75 13.44 -11.62
N TYR A 768 6.77 13.17 -10.32
CA TYR A 768 6.78 11.78 -9.84
C TYR A 768 5.44 11.10 -10.08
N ARG A 769 4.33 11.83 -9.88
CA ARG A 769 3.04 11.28 -10.31
C ARG A 769 2.87 11.29 -11.82
N ALA A 770 3.65 12.08 -12.56
CA ALA A 770 3.57 12.02 -14.02
C ALA A 770 4.06 10.68 -14.54
N THR A 771 5.15 10.17 -13.97
CA THR A 771 5.69 8.89 -14.39
C THR A 771 4.99 7.74 -13.67
N HIS A 772 5.14 6.53 -14.23
CA HIS A 772 4.54 5.33 -13.68
C HIS A 772 5.56 4.21 -13.71
N ARG A 773 5.81 3.60 -12.55
CA ARG A 773 6.74 2.48 -12.49
C ARG A 773 6.11 1.22 -13.07
N LEU A 774 6.95 0.40 -13.69
CA LEU A 774 6.49 -0.82 -14.34
C LEU A 774 7.55 -1.89 -14.11
N LEU A 775 7.34 -2.76 -13.13
CA LEU A 775 8.30 -3.80 -12.85
C LEU A 775 8.26 -4.86 -13.95
N LEU A 776 9.40 -5.46 -14.24
CA LEU A 776 9.50 -6.53 -15.23
C LEU A 776 10.02 -7.79 -14.56
N LEU A 777 9.37 -8.93 -14.82
CA LEU A 777 9.75 -10.19 -14.21
C LEU A 777 9.56 -11.32 -15.20
N GLY A 778 10.26 -12.42 -14.93
CA GLY A 778 10.21 -13.58 -15.80
C GLY A 778 11.34 -14.53 -15.48
N ALA A 779 11.58 -15.43 -16.43
CA ALA A 779 12.63 -16.43 -16.31
C ALA A 779 13.88 -15.99 -17.06
N ASP A 780 15.00 -16.65 -16.75
CA ASP A 780 16.26 -16.34 -17.42
C ASP A 780 16.19 -16.66 -18.90
N ASN A 781 15.62 -17.81 -19.26
CA ASN A 781 15.44 -18.14 -20.68
C ASN A 781 14.30 -17.36 -21.30
N SER A 782 13.45 -16.73 -20.50
CA SER A 782 12.30 -16.01 -21.03
C SER A 782 12.74 -14.75 -21.76
N GLY A 783 11.82 -14.17 -22.51
CA GLY A 783 12.10 -12.95 -23.25
C GLY A 783 11.99 -11.72 -22.39
N LYS A 784 12.65 -11.74 -21.23
CA LYS A 784 12.59 -10.60 -20.32
C LYS A 784 13.35 -9.40 -20.87
N SER A 785 14.59 -9.62 -21.34
CA SER A 785 15.41 -8.51 -21.79
C SER A 785 14.99 -8.00 -23.16
N THR A 786 14.42 -8.88 -23.99
CA THR A 786 14.02 -8.45 -25.33
C THR A 786 12.83 -7.51 -25.31
N ILE A 787 12.04 -7.51 -24.24
CA ILE A 787 10.95 -6.55 -24.10
C ILE A 787 11.51 -5.13 -23.94
N VAL A 788 12.48 -4.97 -23.04
CA VAL A 788 13.15 -3.69 -22.87
C VAL A 788 13.89 -3.30 -24.15
N LYS A 789 14.56 -4.27 -24.79
CA LYS A 789 15.23 -4.00 -26.04
C LYS A 789 14.27 -3.59 -27.15
N GLN A 790 13.04 -4.11 -27.14
CA GLN A 790 12.06 -3.75 -28.16
C GLN A 790 11.56 -2.34 -27.97
N MET A 791 11.21 -1.96 -26.74
CA MET A 791 10.79 -0.57 -26.58
C MET A 791 11.95 0.42 -26.43
N ARG A 792 13.20 -0.03 -26.44
CA ARG A 792 14.29 0.91 -26.70
C ARG A 792 14.30 1.34 -28.15
N ILE A 793 13.86 0.47 -29.06
CA ILE A 793 13.69 0.86 -30.46
C ILE A 793 12.56 1.87 -30.59
N TYR A 794 11.45 1.64 -29.87
CA TYR A 794 10.32 2.55 -29.88
C TYR A 794 10.67 3.89 -29.25
N PHE A 808 19.11 -1.85 -17.38
CA PHE A 808 17.95 -2.04 -16.51
C PHE A 808 16.80 -1.13 -16.94
N GLU A 809 16.92 0.15 -16.62
CA GLU A 809 15.84 1.11 -16.80
C GLU A 809 15.57 1.38 -18.27
N THR A 810 14.36 1.86 -18.55
CA THR A 810 13.99 2.37 -19.87
C THR A 810 12.75 3.24 -19.69
N LYS A 811 12.86 4.51 -20.06
CA LYS A 811 11.75 5.44 -20.00
C LYS A 811 11.18 5.63 -21.40
N PHE A 812 9.87 5.50 -21.53
CA PHE A 812 9.23 5.74 -22.82
C PHE A 812 7.96 6.57 -22.62
N GLN A 813 7.39 7.03 -23.74
CA GLN A 813 6.21 7.88 -23.72
C GLN A 813 5.15 7.25 -24.62
N VAL A 814 3.97 7.02 -24.06
CA VAL A 814 2.82 6.53 -24.82
C VAL A 814 1.65 7.45 -24.54
N ASP A 815 1.11 8.08 -25.59
CA ASP A 815 -0.01 9.01 -25.49
C ASP A 815 0.28 10.12 -24.49
N LYS A 816 1.49 10.66 -24.57
CA LYS A 816 1.99 11.71 -23.69
C LYS A 816 2.02 11.29 -22.22
N VAL A 817 2.04 9.99 -21.95
CA VAL A 817 2.15 9.46 -20.60
C VAL A 817 3.51 8.79 -20.46
N ASN A 818 4.23 9.14 -19.41
CA ASN A 818 5.61 8.70 -19.21
C ASN A 818 5.59 7.40 -18.42
N PHE A 819 6.20 6.35 -18.98
CA PHE A 819 6.28 5.04 -18.35
C PHE A 819 7.74 4.68 -18.12
N HIS A 820 7.97 3.94 -17.04
CA HIS A 820 9.30 3.65 -16.51
C HIS A 820 9.43 2.13 -16.36
N MET A 821 9.82 1.46 -17.43
CA MET A 821 9.93 0.00 -17.44
C MET A 821 11.38 -0.39 -17.16
N PHE A 822 11.59 -1.18 -16.12
CA PHE A 822 12.94 -1.60 -15.76
C PHE A 822 12.98 -3.10 -15.54
N ASP A 823 14.02 -3.75 -16.05
CA ASP A 823 14.23 -5.19 -15.90
C ASP A 823 15.47 -5.48 -15.07
N VAL A 824 15.31 -5.46 -13.74
CA VAL A 824 16.41 -5.76 -12.85
C VAL A 824 16.63 -7.27 -12.83
N GLY A 825 17.69 -7.72 -13.51
CA GLY A 825 17.99 -9.12 -13.62
C GLY A 825 19.48 -9.41 -13.58
N GLY A 826 20.29 -8.37 -13.40
CA GLY A 826 21.72 -8.55 -13.30
C GLY A 826 22.16 -9.09 -11.95
N GLN A 827 21.24 -9.20 -11.00
CA GLN A 827 21.55 -9.65 -9.65
C GLN A 827 21.40 -11.17 -9.57
N ARG A 828 21.41 -11.69 -8.35
CA ARG A 828 21.21 -13.12 -8.13
C ARG A 828 19.76 -13.50 -8.43
N ASP A 829 19.55 -14.81 -8.63
CA ASP A 829 18.21 -15.30 -8.93
C ASP A 829 17.27 -15.21 -7.74
N GLU A 830 17.82 -15.14 -6.53
CA GLU A 830 17.00 -14.97 -5.34
C GLU A 830 16.26 -13.64 -5.39
N ARG A 831 14.95 -13.69 -5.16
CA ARG A 831 14.11 -12.51 -5.39
C ARG A 831 13.02 -12.31 -4.34
N ARG A 832 13.16 -12.89 -3.15
CA ARG A 832 12.07 -12.80 -2.18
C ARG A 832 12.07 -11.48 -1.43
N LYS A 833 13.24 -10.84 -1.27
CA LYS A 833 13.33 -9.66 -0.43
C LYS A 833 13.62 -8.36 -1.15
N TRP A 834 14.16 -8.39 -2.37
CA TRP A 834 14.23 -7.16 -3.14
C TRP A 834 12.99 -6.94 -3.99
N ILE A 835 12.07 -7.91 -4.02
CA ILE A 835 10.79 -7.69 -4.68
C ILE A 835 9.83 -6.91 -3.79
N GLN A 836 10.14 -6.80 -2.49
CA GLN A 836 9.31 -6.01 -1.58
C GLN A 836 9.47 -4.51 -1.78
N CYS A 837 10.48 -4.09 -2.54
CA CYS A 837 10.72 -2.67 -2.80
C CYS A 837 10.12 -2.20 -4.11
N PHE A 838 9.07 -2.86 -4.59
CA PHE A 838 8.38 -2.45 -5.81
C PHE A 838 6.88 -2.51 -5.61
N ASN A 839 6.41 -2.00 -4.48
CA ASN A 839 5.01 -2.16 -4.12
C ASN A 839 4.16 -0.95 -4.50
N ASP A 840 4.77 0.21 -4.72
CA ASP A 840 4.07 1.35 -5.29
C ASP A 840 4.00 1.26 -6.81
N VAL A 841 4.62 0.24 -7.40
CA VAL A 841 4.65 0.08 -8.84
C VAL A 841 3.24 -0.20 -9.35
N THR A 842 2.88 0.46 -10.45
CA THR A 842 1.53 0.30 -11.00
C THR A 842 1.28 -1.14 -11.44
N ALA A 843 2.26 -1.78 -12.06
CA ALA A 843 2.04 -3.13 -12.56
C ALA A 843 3.35 -3.91 -12.59
N ILE A 844 3.24 -5.19 -12.29
CA ILE A 844 4.33 -6.15 -12.47
C ILE A 844 4.07 -6.92 -13.75
N ILE A 845 4.93 -6.73 -14.74
CA ILE A 845 4.77 -7.37 -16.04
C ILE A 845 5.52 -8.70 -15.97
N PHE A 846 4.76 -9.78 -15.80
CA PHE A 846 5.31 -11.14 -15.75
C PHE A 846 5.32 -11.67 -17.18
N VAL A 847 6.44 -11.47 -17.86
CA VAL A 847 6.62 -11.97 -19.21
C VAL A 847 7.46 -13.24 -19.13
N VAL A 848 6.96 -14.33 -19.72
CA VAL A 848 7.62 -15.62 -19.59
C VAL A 848 7.39 -16.43 -20.86
N ASP A 849 8.35 -17.31 -21.17
CA ASP A 849 8.27 -18.16 -22.35
C ASP A 849 7.04 -19.03 -22.31
N SER A 850 6.55 -19.38 -23.51
CA SER A 850 5.42 -20.28 -23.64
C SER A 850 5.80 -21.68 -24.12
N SER A 851 7.08 -21.88 -24.48
CA SER A 851 7.51 -23.12 -25.12
C SER A 851 8.15 -24.10 -24.16
N ASP A 852 9.10 -23.66 -23.35
CA ASP A 852 9.79 -24.56 -22.42
C ASP A 852 8.84 -24.93 -21.28
N TYR A 853 8.46 -26.20 -21.23
CA TYR A 853 7.40 -26.62 -20.30
C TYR A 853 7.92 -26.72 -18.88
N ASN A 854 9.19 -27.07 -18.69
CA ASN A 854 9.80 -26.94 -17.37
C ASN A 854 9.81 -25.50 -16.92
N ARG A 855 10.17 -24.59 -17.83
CA ARG A 855 10.08 -23.17 -17.52
C ARG A 855 8.64 -22.72 -17.38
N LEU A 856 7.69 -23.41 -18.03
CA LEU A 856 6.28 -23.08 -17.82
C LEU A 856 5.84 -23.44 -16.41
N GLN A 857 6.27 -24.59 -15.89
CA GLN A 857 5.98 -24.92 -14.50
C GLN A 857 6.65 -23.94 -13.56
N GLU A 858 7.90 -23.55 -13.86
CA GLU A 858 8.57 -22.54 -13.07
C GLU A 858 7.80 -21.23 -13.07
N ALA A 859 7.22 -20.86 -14.23
CA ALA A 859 6.40 -19.67 -14.33
C ALA A 859 5.14 -19.79 -13.49
N LEU A 860 4.52 -20.97 -13.49
CA LEU A 860 3.35 -21.18 -12.63
C LEU A 860 3.72 -20.99 -11.16
N ASN A 861 4.87 -21.51 -10.76
CA ASN A 861 5.32 -21.36 -9.38
C ASN A 861 5.58 -19.89 -9.05
N LEU A 862 6.26 -19.17 -9.93
CA LEU A 862 6.58 -17.77 -9.68
C LEU A 862 5.32 -16.91 -9.67
N PHE A 863 4.38 -17.19 -10.56
CA PHE A 863 3.12 -16.45 -10.58
C PHE A 863 2.29 -16.73 -9.35
N LYS A 864 2.31 -17.99 -8.86
CA LYS A 864 1.64 -18.30 -7.61
C LYS A 864 2.26 -17.52 -6.45
N SER A 865 3.59 -17.47 -6.41
CA SER A 865 4.26 -16.72 -5.35
C SER A 865 3.95 -15.24 -5.43
N ILE A 866 3.90 -14.69 -6.64
CA ILE A 866 3.59 -13.27 -6.80
C ILE A 866 2.15 -12.98 -6.36
N TRP A 867 1.20 -13.81 -6.82
CA TRP A 867 -0.20 -13.57 -6.52
C TRP A 867 -0.47 -13.72 -5.03
N ASN A 868 0.12 -14.72 -4.39
CA ASN A 868 -0.13 -14.97 -2.97
C ASN A 868 0.76 -14.15 -2.06
N ASN A 869 1.67 -13.35 -2.60
CA ASN A 869 2.50 -12.49 -1.77
C ASN A 869 1.66 -11.40 -1.12
N ARG A 870 2.00 -11.05 0.11
CA ARG A 870 1.21 -10.06 0.85
C ARG A 870 1.28 -8.68 0.18
N TRP A 871 2.48 -8.27 -0.23
CA TRP A 871 2.66 -6.94 -0.82
C TRP A 871 2.35 -6.89 -2.30
N LEU A 872 2.31 -8.02 -2.98
CA LEU A 872 1.90 -8.06 -4.37
C LEU A 872 0.43 -8.43 -4.54
N ARG A 873 -0.29 -8.60 -3.43
CA ARG A 873 -1.73 -8.85 -3.47
C ARG A 873 -2.52 -7.60 -3.86
N THR A 874 -1.90 -6.43 -3.88
CA THR A 874 -2.53 -5.21 -4.32
C THR A 874 -1.94 -4.67 -5.62
N ILE A 875 -1.07 -5.44 -6.26
CA ILE A 875 -0.37 -5.02 -7.47
C ILE A 875 -0.89 -5.84 -8.63
N SER A 876 -1.38 -5.17 -9.67
CA SER A 876 -1.81 -5.87 -10.86
C SER A 876 -0.62 -6.48 -11.58
N VAL A 877 -0.82 -7.68 -12.11
CA VAL A 877 0.21 -8.40 -12.84
C VAL A 877 -0.25 -8.53 -14.29
N ILE A 878 0.56 -8.00 -15.20
CA ILE A 878 0.30 -8.12 -16.63
C ILE A 878 1.02 -9.38 -17.11
N LEU A 879 0.25 -10.42 -17.40
CA LEU A 879 0.80 -11.69 -17.82
C LEU A 879 1.09 -11.67 -19.32
N PHE A 880 2.32 -11.97 -19.69
CA PHE A 880 2.74 -12.02 -21.09
C PHE A 880 3.30 -13.40 -21.40
N LEU A 881 2.73 -14.06 -22.41
CA LEU A 881 3.17 -15.37 -22.85
C LEU A 881 4.05 -15.19 -24.08
N ASN A 882 5.32 -14.86 -23.83
CA ASN A 882 6.25 -14.56 -24.90
C ASN A 882 6.64 -15.85 -25.64
N LYS A 883 7.20 -15.65 -26.84
CA LYS A 883 7.57 -16.74 -27.75
C LYS A 883 6.39 -17.67 -28.00
N GLN A 884 5.25 -17.07 -28.34
CA GLN A 884 4.10 -17.85 -28.77
C GLN A 884 4.42 -18.64 -30.04
N ASP A 885 5.28 -18.09 -30.90
CA ASP A 885 5.72 -18.81 -32.09
C ASP A 885 6.51 -20.05 -31.71
N LEU A 886 7.37 -19.94 -30.69
CA LEU A 886 8.13 -21.11 -30.23
C LEU A 886 7.19 -22.23 -29.80
N LEU A 887 6.15 -21.89 -29.03
CA LEU A 887 5.16 -22.89 -28.64
C LEU A 887 4.39 -23.42 -29.84
N ALA A 888 4.07 -22.56 -30.80
CA ALA A 888 3.29 -22.98 -31.96
C ALA A 888 4.04 -24.03 -32.77
N GLU A 889 5.28 -23.73 -33.16
CA GLU A 889 6.04 -24.74 -33.89
C GLU A 889 6.50 -25.91 -33.01
N LYS A 890 6.57 -25.72 -31.69
CA LYS A 890 6.95 -26.83 -30.83
C LYS A 890 5.82 -27.85 -30.72
N VAL A 891 4.57 -27.39 -30.74
CA VAL A 891 3.46 -28.35 -30.70
C VAL A 891 3.11 -28.84 -32.10
N LEU A 892 3.40 -28.06 -33.15
CA LEU A 892 3.28 -28.59 -34.51
C LEU A 892 4.27 -29.71 -34.76
N ALA A 893 5.51 -29.54 -34.29
CA ALA A 893 6.50 -30.59 -34.43
C ALA A 893 6.12 -31.84 -33.64
N GLY A 894 5.53 -31.65 -32.47
CA GLY A 894 5.15 -32.77 -31.62
C GLY A 894 6.34 -33.55 -31.09
N LYS A 895 7.46 -32.89 -30.85
CA LYS A 895 8.65 -33.58 -30.34
C LYS A 895 8.49 -33.92 -28.87
N SER A 896 7.91 -33.02 -28.08
CA SER A 896 7.81 -33.18 -26.64
C SER A 896 6.36 -33.38 -26.23
N LYS A 897 6.14 -34.26 -25.26
CA LYS A 897 4.80 -34.59 -24.79
C LYS A 897 4.38 -33.58 -23.73
N ILE A 898 3.29 -32.86 -23.99
CA ILE A 898 2.75 -31.94 -23.00
C ILE A 898 2.22 -32.70 -21.80
N GLU A 899 1.62 -33.88 -22.04
CA GLU A 899 1.01 -34.65 -20.96
C GLU A 899 2.05 -35.15 -19.97
N ASP A 900 3.26 -35.45 -20.44
CA ASP A 900 4.31 -35.94 -19.54
C ASP A 900 4.67 -34.90 -18.50
N TYR A 901 4.61 -33.63 -18.87
CA TYR A 901 4.87 -32.55 -17.92
C TYR A 901 3.58 -31.97 -17.35
N PHE A 902 2.44 -32.21 -17.99
CA PHE A 902 1.14 -31.72 -17.57
C PHE A 902 0.04 -32.62 -18.10
N PRO A 903 -0.35 -33.66 -17.37
CA PRO A 903 -1.32 -34.63 -17.91
C PRO A 903 -2.71 -34.06 -18.14
N GLU A 904 -3.07 -32.94 -17.50
CA GLU A 904 -4.42 -32.43 -17.60
C GLU A 904 -4.79 -32.04 -19.03
N PHE A 905 -3.79 -31.78 -19.87
CA PHE A 905 -4.06 -31.44 -21.27
C PHE A 905 -4.72 -32.58 -22.01
N ALA A 906 -4.63 -33.81 -21.49
CA ALA A 906 -5.34 -34.92 -22.11
C ALA A 906 -6.84 -34.83 -21.94
N ARG A 907 -7.33 -33.98 -21.04
CA ARG A 907 -8.76 -33.85 -20.77
C ARG A 907 -9.16 -32.38 -20.69
N TYR A 908 -8.73 -31.59 -21.67
CA TYR A 908 -9.03 -30.17 -21.72
C TYR A 908 -9.65 -29.82 -23.07
N THR A 909 -10.67 -28.98 -23.04
CA THR A 909 -11.33 -28.49 -24.24
C THR A 909 -11.17 -26.98 -24.32
N THR A 910 -11.10 -26.46 -25.54
CA THR A 910 -10.86 -25.04 -25.74
C THR A 910 -12.01 -24.21 -25.17
N PRO A 911 -11.72 -23.05 -24.59
CA PRO A 911 -12.79 -22.21 -24.04
C PRO A 911 -13.70 -21.67 -25.13
N GLU A 912 -14.96 -21.43 -24.75
CA GLU A 912 -15.92 -20.90 -25.71
C GLU A 912 -15.60 -19.46 -26.10
N ASP A 913 -14.94 -18.71 -25.22
CA ASP A 913 -14.58 -17.33 -25.47
C ASP A 913 -13.22 -17.20 -26.17
N ALA A 914 -12.76 -18.25 -26.85
CA ALA A 914 -11.50 -18.19 -27.56
C ALA A 914 -11.58 -17.22 -28.73
N THR A 915 -10.54 -16.41 -28.89
CA THR A 915 -10.52 -15.44 -29.98
C THR A 915 -10.41 -16.14 -31.33
N PRO A 916 -11.20 -15.73 -32.32
CA PRO A 916 -11.11 -16.36 -33.64
C PRO A 916 -9.84 -15.95 -34.39
N GLU A 917 -8.89 -16.88 -34.47
CA GLU A 917 -7.62 -16.64 -35.16
C GLU A 917 -7.47 -17.63 -36.30
N PRO A 918 -7.82 -17.24 -37.53
CA PRO A 918 -7.73 -18.17 -38.66
C PRO A 918 -6.29 -18.45 -39.04
N GLY A 919 -6.09 -19.62 -39.66
CA GLY A 919 -4.79 -20.00 -40.16
C GLY A 919 -3.89 -20.72 -39.18
N GLU A 920 -4.39 -21.09 -38.01
CA GLU A 920 -3.60 -21.81 -37.02
C GLU A 920 -4.39 -23.00 -36.48
N ASP A 921 -3.68 -24.08 -36.19
CA ASP A 921 -4.32 -25.34 -35.82
C ASP A 921 -5.00 -25.24 -34.45
N PRO A 922 -6.07 -26.01 -34.24
CA PRO A 922 -6.71 -26.02 -32.92
C PRO A 922 -5.81 -26.55 -31.80
N ARG A 923 -4.76 -27.29 -32.13
CA ARG A 923 -3.83 -27.75 -31.10
C ARG A 923 -3.10 -26.58 -30.46
N VAL A 924 -2.68 -25.60 -31.26
CA VAL A 924 -2.00 -24.42 -30.73
C VAL A 924 -2.93 -23.66 -29.79
N THR A 925 -4.17 -23.45 -30.22
CA THR A 925 -5.14 -22.74 -29.38
C THR A 925 -5.41 -23.51 -28.10
N ARG A 926 -5.54 -24.83 -28.19
CA ARG A 926 -5.80 -25.64 -27.01
C ARG A 926 -4.66 -25.53 -26.02
N ALA A 927 -3.42 -25.70 -26.48
CA ALA A 927 -2.27 -25.63 -25.57
C ALA A 927 -2.09 -24.23 -24.99
N LYS A 928 -2.30 -23.20 -25.80
CA LYS A 928 -2.07 -21.82 -25.36
C LYS A 928 -3.12 -21.38 -24.35
N TYR A 929 -4.40 -21.63 -24.62
CA TYR A 929 -5.41 -21.35 -23.62
C TYR A 929 -5.32 -22.31 -22.45
N PHE A 930 -4.67 -23.46 -22.63
CA PHE A 930 -4.41 -24.36 -21.52
C PHE A 930 -3.42 -23.76 -20.54
N ILE A 931 -2.31 -23.21 -21.05
CA ILE A 931 -1.36 -22.57 -20.14
C ILE A 931 -1.97 -21.30 -19.54
N ARG A 932 -2.76 -20.54 -20.31
CA ARG A 932 -3.61 -19.52 -19.69
C ARG A 932 -4.47 -20.10 -18.58
N ASP A 933 -4.95 -21.34 -18.74
CA ASP A 933 -5.85 -21.89 -17.73
C ASP A 933 -5.14 -22.19 -16.42
N GLU A 934 -3.95 -22.80 -16.42
CA GLU A 934 -3.32 -22.97 -15.11
C GLU A 934 -2.85 -21.65 -14.55
N PHE A 935 -2.50 -20.68 -15.40
CA PHE A 935 -2.16 -19.37 -14.84
C PHE A 935 -3.36 -18.74 -14.14
N LEU A 936 -4.52 -18.77 -14.80
CA LEU A 936 -5.71 -18.08 -14.28
C LEU A 936 -6.34 -18.84 -13.12
N ARG A 937 -6.26 -20.18 -13.13
CA ARG A 937 -6.78 -20.93 -12.00
C ARG A 937 -5.99 -20.66 -10.73
N ILE A 938 -4.66 -20.58 -10.85
CA ILE A 938 -3.83 -20.17 -9.72
C ILE A 938 -4.14 -18.74 -9.31
N SER A 939 -4.35 -17.86 -10.29
CA SER A 939 -4.65 -16.46 -9.97
C SER A 939 -5.96 -16.33 -9.20
N THR A 940 -6.99 -17.08 -9.60
CA THR A 940 -8.28 -16.99 -8.94
C THR A 940 -8.34 -17.79 -7.64
N ALA A 941 -7.40 -18.70 -7.42
CA ALA A 941 -7.39 -19.50 -6.20
C ALA A 941 -6.81 -18.71 -5.03
N HIS A 947 -6.19 -6.79 -6.50
CA HIS A 947 -5.43 -6.78 -7.73
C HIS A 947 -6.00 -7.79 -8.74
N TYR A 948 -5.69 -7.58 -10.01
CA TYR A 948 -6.23 -8.40 -11.07
C TYR A 948 -5.11 -8.76 -12.04
N CYS A 949 -5.28 -9.90 -12.70
CA CYS A 949 -4.29 -10.44 -13.63
C CYS A 949 -4.76 -10.18 -15.05
N TYR A 950 -3.86 -9.65 -15.89
CA TYR A 950 -4.17 -9.40 -17.28
C TYR A 950 -3.34 -10.31 -18.16
N PRO A 951 -3.88 -11.44 -18.63
CA PRO A 951 -3.11 -12.35 -19.47
C PRO A 951 -3.09 -11.93 -20.93
N HIS A 952 -1.94 -12.07 -21.59
CA HIS A 952 -1.78 -11.68 -22.98
C HIS A 952 -0.83 -12.64 -23.68
N PHE A 953 -0.91 -12.68 -25.00
CA PHE A 953 0.05 -13.41 -25.82
C PHE A 953 0.90 -12.41 -26.60
N THR A 954 2.22 -12.59 -26.54
CA THR A 954 3.15 -11.72 -27.24
C THR A 954 4.28 -12.53 -27.84
N CYS A 955 4.99 -11.92 -28.79
CA CYS A 955 6.19 -12.48 -29.36
C CYS A 955 7.22 -11.37 -29.46
N ALA A 956 8.34 -11.64 -30.12
CA ALA A 956 9.36 -10.62 -30.32
C ALA A 956 9.12 -9.78 -31.56
N VAL A 957 8.10 -10.08 -32.35
CA VAL A 957 7.88 -9.37 -33.61
C VAL A 957 6.96 -8.18 -33.39
N ASP A 958 5.82 -8.40 -32.72
CA ASP A 958 4.83 -7.34 -32.57
C ASP A 958 5.34 -6.23 -31.66
N THR A 959 5.16 -4.99 -32.10
CA THR A 959 5.57 -3.81 -31.35
C THR A 959 4.41 -3.13 -30.64
N GLU A 960 3.21 -3.71 -30.70
CA GLU A 960 2.01 -3.12 -30.14
C GLU A 960 1.90 -3.32 -28.63
N ASN A 961 2.79 -4.12 -28.04
CA ASN A 961 2.67 -4.50 -26.64
C ASN A 961 2.73 -3.29 -25.72
N ALA A 962 3.44 -2.24 -26.14
CA ALA A 962 3.50 -1.02 -25.34
C ALA A 962 2.12 -0.39 -25.17
N ARG A 963 1.33 -0.37 -26.24
CA ARG A 963 -0.01 0.20 -26.16
C ARG A 963 -0.90 -0.61 -25.23
N ARG A 964 -0.81 -1.93 -25.28
CA ARG A 964 -1.61 -2.78 -24.39
C ARG A 964 -1.19 -2.59 -22.94
N ILE A 965 0.12 -2.46 -22.69
CA ILE A 965 0.58 -2.18 -21.33
C ILE A 965 0.05 -0.83 -20.86
N PHE A 966 0.00 0.15 -21.77
CA PHE A 966 -0.53 1.47 -21.41
C PHE A 966 -2.02 1.41 -21.07
N ASN A 967 -2.80 0.64 -21.84
CA ASN A 967 -4.21 0.48 -21.53
C ASN A 967 -4.40 -0.21 -20.19
N ASP A 968 -3.61 -1.25 -19.92
CA ASP A 968 -3.70 -1.92 -18.63
C ASP A 968 -3.32 -0.99 -17.50
N CYS A 969 -2.32 -0.13 -17.72
CA CYS A 969 -1.93 0.85 -16.72
C CYS A 969 -3.05 1.85 -16.47
N ARG A 970 -3.74 2.27 -17.54
CA ARG A 970 -4.90 3.14 -17.37
C ARG A 970 -5.98 2.47 -16.53
N ASP A 971 -6.23 1.19 -16.76
CA ASP A 971 -7.19 0.46 -15.94
C ASP A 971 -6.76 0.42 -14.48
N ILE A 972 -5.48 0.15 -14.21
CA ILE A 972 -5.01 0.14 -12.82
C ILE A 972 -5.16 1.51 -12.19
N ILE A 973 -4.89 2.56 -12.96
CA ILE A 973 -5.13 3.93 -12.50
C ILE A 973 -6.59 4.08 -12.08
N GLN A 974 -7.50 3.58 -12.91
CA GLN A 974 -8.94 3.68 -12.61
C GLN A 974 -9.28 2.99 -11.31
N ARG A 975 -8.85 1.73 -11.15
CA ARG A 975 -9.19 0.98 -9.93
C ARG A 975 -8.61 1.64 -8.69
N MET A 976 -7.34 2.07 -8.74
CA MET A 976 -6.81 2.62 -7.50
C MET A 976 -7.31 4.03 -7.21
N HIS A 977 -7.68 4.80 -8.25
CA HIS A 977 -8.34 6.07 -8.01
C HIS A 977 -9.71 5.88 -7.39
N LEU A 978 -10.45 4.86 -7.84
CA LEU A 978 -11.70 4.48 -7.19
C LEU A 978 -11.47 4.03 -5.75
N ARG A 979 -10.36 3.34 -5.50
CA ARG A 979 -10.00 2.96 -4.14
C ARG A 979 -9.74 4.18 -3.26
N GLN A 980 -9.09 5.21 -3.79
CA GLN A 980 -8.81 6.41 -3.01
C GLN A 980 -10.07 7.20 -2.66
N TYR A 981 -11.15 7.04 -3.44
CA TYR A 981 -12.37 7.81 -3.24
C TYR A 981 -13.50 6.99 -2.64
N GLU A 982 -13.19 6.03 -1.78
CA GLU A 982 -14.16 5.33 -0.95
C GLU A 982 -15.21 4.57 -1.76
N LEU A 983 -14.95 4.33 -3.06
CA LEU A 983 -15.94 3.66 -3.89
C LEU A 983 -15.68 2.17 -3.99
N LEU A 984 -14.49 1.79 -4.46
CA LEU A 984 -14.16 0.38 -4.65
C LEU A 984 -13.40 -0.16 -3.45
N GLY B 51 5.86 -0.05 32.61
CA GLY B 51 4.47 -0.46 32.43
C GLY B 51 3.95 -0.21 31.02
N ARG B 52 3.58 1.04 30.76
CA ARG B 52 3.07 1.45 29.46
C ARG B 52 3.91 2.60 28.92
N ILE B 53 4.10 2.62 27.61
CA ILE B 53 4.80 3.70 26.93
C ILE B 53 3.85 4.20 25.84
N GLN B 54 3.15 5.29 26.13
CA GLN B 54 2.16 5.87 25.24
C GLN B 54 2.70 7.22 24.76
N MET B 55 3.46 7.20 23.67
CA MET B 55 3.96 8.40 23.03
C MET B 55 3.31 8.52 21.66
N ARG B 56 2.95 9.75 21.30
CA ARG B 56 2.15 10.01 20.10
C ARG B 56 2.99 10.77 19.07
N THR B 57 2.33 11.12 17.97
CA THR B 57 2.96 11.82 16.86
C THR B 57 3.12 13.29 17.27
N ARG B 58 4.27 13.60 17.87
CA ARG B 58 4.50 14.96 18.36
C ARG B 58 4.75 15.91 17.19
N ARG B 59 5.48 15.47 16.17
CA ARG B 59 5.59 16.20 14.92
C ARG B 59 5.24 15.29 13.76
N THR B 60 4.69 15.88 12.70
CA THR B 60 4.43 15.20 11.44
C THR B 60 5.19 15.91 10.35
N LEU B 61 5.91 15.14 9.53
CA LEU B 61 6.77 15.69 8.49
C LEU B 61 6.21 15.26 7.14
N ARG B 62 5.39 16.12 6.54
CA ARG B 62 4.62 15.79 5.36
C ARG B 62 5.34 16.17 4.07
N GLY B 63 6.63 16.51 4.15
CA GLY B 63 7.33 16.95 2.95
C GLY B 63 7.49 15.85 1.91
N HIS B 64 7.72 14.62 2.37
CA HIS B 64 7.95 13.53 1.44
C HIS B 64 6.70 13.22 0.63
N LEU B 65 6.90 12.84 -0.63
CA LEU B 65 5.81 12.69 -1.59
C LEU B 65 5.77 11.30 -2.21
N ALA B 66 6.54 10.36 -1.66
CA ALA B 66 6.53 8.97 -2.12
C ALA B 66 6.76 8.08 -0.92
N LYS B 67 6.91 6.78 -1.18
CA LYS B 67 7.10 5.81 -0.10
C LYS B 67 8.49 5.99 0.49
N ILE B 68 8.55 6.36 1.77
CA ILE B 68 9.81 6.49 2.48
C ILE B 68 10.40 5.12 2.72
N TYR B 69 11.69 4.94 2.42
CA TYR B 69 12.32 3.64 2.52
C TYR B 69 13.32 3.54 3.66
N ALA B 70 14.16 4.56 3.87
CA ALA B 70 15.14 4.51 4.93
C ALA B 70 15.37 5.90 5.49
N MET B 71 15.78 5.95 6.75
CA MET B 71 16.17 7.19 7.40
C MET B 71 17.34 6.92 8.34
N HIS B 72 17.95 8.01 8.83
CA HIS B 72 19.06 7.88 9.76
C HIS B 72 19.21 9.20 10.50
N TRP B 73 19.32 9.13 11.83
CA TRP B 73 19.53 10.34 12.62
C TRP B 73 20.96 10.82 12.50
N GLY B 74 21.15 12.12 12.71
CA GLY B 74 22.47 12.69 12.80
C GLY B 74 23.07 12.53 14.19
N THR B 75 24.34 12.92 14.30
CA THR B 75 25.04 12.83 15.58
C THR B 75 24.49 13.84 16.58
N ASP B 76 24.07 15.00 16.11
CA ASP B 76 23.59 16.07 16.96
C ASP B 76 22.09 15.98 17.26
N SER B 77 21.50 14.79 17.09
CA SER B 77 20.08 14.54 17.39
C SER B 77 19.16 15.49 16.62
N ARG B 78 19.55 15.81 15.39
CA ARG B 78 18.73 16.64 14.51
C ARG B 78 19.16 16.36 13.08
N LEU B 79 18.56 17.08 12.15
CA LEU B 79 18.88 16.99 10.72
C LEU B 79 18.73 15.55 10.22
N LEU B 80 17.49 15.07 10.27
CA LEU B 80 17.16 13.74 9.76
C LEU B 80 17.49 13.67 8.28
N VAL B 81 18.06 12.54 7.86
CA VAL B 81 18.18 12.22 6.45
C VAL B 81 17.08 11.21 6.13
N SER B 82 16.35 11.46 5.05
CA SER B 82 15.23 10.59 4.71
C SER B 82 15.18 10.39 3.20
N ALA B 83 15.09 9.13 2.78
CA ALA B 83 15.08 8.78 1.38
C ALA B 83 13.73 8.19 1.01
N SER B 84 13.20 8.58 -0.15
CA SER B 84 11.88 8.11 -0.54
C SER B 84 11.92 7.56 -1.96
N GLN B 85 10.79 7.00 -2.41
CA GLN B 85 10.68 6.35 -3.70
C GLN B 85 10.70 7.32 -4.87
N ASP B 86 10.64 8.63 -4.62
CA ASP B 86 10.71 9.59 -5.71
C ASP B 86 12.13 9.93 -6.12
N GLY B 87 13.11 9.15 -5.67
CA GLY B 87 14.50 9.53 -5.88
C GLY B 87 14.88 10.80 -5.16
N LYS B 88 14.32 11.02 -3.97
CA LYS B 88 14.55 12.25 -3.22
C LYS B 88 15.15 11.91 -1.86
N LEU B 89 16.14 12.70 -1.47
CA LEU B 89 16.88 12.51 -0.23
C LEU B 89 16.86 13.85 0.50
N ILE B 90 16.05 13.96 1.54
CA ILE B 90 15.70 15.22 2.16
C ILE B 90 16.30 15.30 3.55
N ILE B 91 16.91 16.44 3.86
CA ILE B 91 17.45 16.72 5.18
C ILE B 91 16.45 17.59 5.92
N TRP B 92 16.01 17.14 7.09
CA TRP B 92 15.05 17.84 7.92
C TRP B 92 15.74 18.38 9.17
N ASP B 93 15.25 19.51 9.67
CA ASP B 93 15.56 19.92 11.03
C ASP B 93 14.42 19.41 11.92
N SER B 94 14.75 18.54 12.87
CA SER B 94 13.71 17.84 13.62
C SER B 94 12.90 18.80 14.49
N TYR B 95 13.56 19.76 15.14
CA TYR B 95 12.87 20.62 16.10
C TYR B 95 11.87 21.55 15.41
N THR B 96 12.30 22.23 14.36
CA THR B 96 11.46 23.22 13.69
C THR B 96 10.71 22.66 12.49
N THR B 97 10.98 21.41 12.10
CA THR B 97 10.29 20.75 10.99
C THR B 97 10.39 21.57 9.70
N ASN B 98 11.60 21.72 9.19
CA ASN B 98 11.87 22.47 7.97
C ASN B 98 12.94 21.77 7.16
N LYS B 99 12.77 21.78 5.83
CA LYS B 99 13.75 21.18 4.93
C LYS B 99 14.86 22.17 4.60
N VAL B 100 16.09 21.67 4.55
CA VAL B 100 17.24 22.51 4.28
C VAL B 100 17.97 22.02 3.03
N HIS B 101 17.81 20.74 2.72
CA HIS B 101 18.43 20.16 1.53
C HIS B 101 17.49 19.11 0.94
N ALA B 102 17.41 19.07 -0.39
CA ALA B 102 16.62 18.09 -1.12
C ALA B 102 17.48 17.61 -2.30
N ILE B 103 18.23 16.54 -2.08
CA ILE B 103 19.13 15.98 -3.09
C ILE B 103 18.33 15.07 -4.01
N PRO B 104 18.39 15.28 -5.33
CA PRO B 104 17.74 14.37 -6.27
C PRO B 104 18.59 13.14 -6.52
N LEU B 105 18.09 11.99 -6.11
CA LEU B 105 18.84 10.74 -6.26
C LEU B 105 18.72 10.22 -7.69
N ARG B 106 19.71 9.40 -8.07
CA ARG B 106 19.69 8.81 -9.41
C ARG B 106 18.62 7.72 -9.52
N SER B 107 18.42 6.96 -8.45
CA SER B 107 17.46 5.86 -8.44
C SER B 107 16.22 6.28 -7.66
N SER B 108 15.05 6.12 -8.29
CA SER B 108 13.80 6.41 -7.60
C SER B 108 13.60 5.48 -6.40
N TRP B 109 13.72 4.18 -6.65
CA TRP B 109 13.63 3.14 -5.64
C TRP B 109 14.87 2.91 -4.77
N VAL B 110 15.40 3.98 -4.20
CA VAL B 110 16.50 3.87 -3.24
C VAL B 110 16.12 3.00 -2.06
N MET B 111 17.06 2.15 -1.62
CA MET B 111 16.82 1.23 -0.53
C MET B 111 17.44 1.66 0.79
N THR B 112 18.49 2.47 0.78
CA THR B 112 19.14 2.87 2.03
C THR B 112 19.73 4.26 1.91
N CYS B 113 19.72 4.97 3.04
CA CYS B 113 20.35 6.27 3.17
C CYS B 113 21.08 6.32 4.49
N ALA B 114 22.13 7.15 4.54
CA ALA B 114 22.95 7.23 5.74
C ALA B 114 23.46 8.65 5.93
N TYR B 115 23.60 9.04 7.19
CA TYR B 115 24.15 10.33 7.59
C TYR B 115 25.53 10.10 8.21
N ALA B 116 26.53 10.80 7.70
CA ALA B 116 27.88 10.66 8.23
C ALA B 116 27.94 11.22 9.65
N PRO B 117 28.79 10.64 10.51
CA PRO B 117 28.92 11.18 11.88
C PRO B 117 29.37 12.64 11.92
N SER B 118 30.21 13.05 10.96
CA SER B 118 30.61 14.45 10.90
C SER B 118 29.49 15.34 10.38
N GLY B 119 28.53 14.78 9.65
CA GLY B 119 27.41 15.55 9.12
C GLY B 119 27.67 16.25 7.81
N ASN B 120 28.85 16.08 7.21
CA ASN B 120 29.15 16.71 5.93
C ASN B 120 28.83 15.82 4.73
N TYR B 121 28.67 14.52 4.93
CA TYR B 121 28.44 13.59 3.83
C TYR B 121 27.18 12.77 4.09
N VAL B 122 26.53 12.38 3.00
CA VAL B 122 25.30 11.60 3.05
C VAL B 122 25.39 10.49 2.00
N ALA B 123 25.01 9.27 2.38
CA ALA B 123 25.15 8.10 1.54
C ALA B 123 23.80 7.63 1.01
N CYS B 124 23.78 7.25 -0.26
CA CYS B 124 22.61 6.73 -0.95
C CYS B 124 22.93 5.38 -1.58
N GLY B 125 22.06 4.39 -1.37
CA GLY B 125 22.31 3.07 -1.92
C GLY B 125 21.07 2.28 -2.28
N GLY B 126 21.19 1.35 -3.22
CA GLY B 126 20.06 0.54 -3.65
C GLY B 126 20.50 -0.65 -4.48
N LEU B 127 19.69 -0.97 -5.50
CA LEU B 127 19.98 -2.10 -6.38
C LEU B 127 21.08 -1.77 -7.39
N ASP B 128 21.39 -0.49 -7.59
CA ASP B 128 22.38 -0.06 -8.57
C ASP B 128 23.81 -0.31 -8.15
N ASN B 129 24.03 -1.06 -7.06
CA ASN B 129 25.35 -1.53 -6.64
C ASN B 129 26.29 -0.38 -6.25
N ILE B 130 25.74 0.78 -5.89
CA ILE B 130 26.53 1.96 -5.58
C ILE B 130 26.04 2.56 -4.27
N CYS B 131 26.97 2.82 -3.33
CA CYS B 131 26.70 3.68 -2.19
C CYS B 131 27.33 5.03 -2.47
N SER B 132 26.58 5.86 -3.19
CA SER B 132 27.05 7.19 -3.54
C SER B 132 27.18 8.07 -2.30
N ILE B 133 28.28 8.82 -2.25
CA ILE B 133 28.57 9.73 -1.15
C ILE B 133 28.46 11.15 -1.68
N TYR B 134 27.65 11.97 -1.01
CA TYR B 134 27.41 13.35 -1.39
C TYR B 134 27.91 14.26 -0.28
N ASN B 135 28.66 15.30 -0.66
CA ASN B 135 29.17 16.28 0.29
C ASN B 135 28.20 17.45 0.38
N LEU B 136 27.84 17.82 1.61
CA LEU B 136 26.88 18.90 1.83
C LEU B 136 27.55 20.26 1.89
N LYS B 137 28.68 20.36 2.59
CA LYS B 137 29.39 21.62 2.77
C LYS B 137 30.19 21.91 1.51
N THR B 138 29.61 22.68 0.60
CA THR B 138 30.24 23.03 -0.67
C THR B 138 30.59 24.50 -0.67
N ARG B 139 31.81 24.82 -1.12
CA ARG B 139 32.25 26.22 -1.17
C ARG B 139 31.42 27.01 -2.18
N GLU B 140 30.96 26.36 -3.24
CA GLU B 140 30.11 27.02 -4.24
C GLU B 140 28.71 27.32 -3.71
N GLY B 141 28.31 26.71 -2.60
CA GLY B 141 27.01 26.95 -2.02
C GLY B 141 25.90 26.05 -2.52
N ASN B 142 26.17 25.18 -3.50
CA ASN B 142 25.18 24.27 -4.05
C ASN B 142 25.62 22.84 -3.79
N VAL B 143 24.71 22.01 -3.28
CA VAL B 143 25.03 20.62 -3.00
C VAL B 143 25.18 19.86 -4.31
N ARG B 144 26.17 18.98 -4.38
CA ARG B 144 26.46 18.23 -5.59
C ARG B 144 26.99 16.85 -5.19
N VAL B 145 26.95 15.93 -6.14
CA VAL B 145 27.48 14.59 -5.91
C VAL B 145 28.99 14.68 -5.70
N SER B 146 29.53 13.78 -4.87
CA SER B 146 30.96 13.78 -4.60
C SER B 146 31.64 12.53 -5.14
N ARG B 147 31.22 11.32 -4.74
CA ARG B 147 31.89 10.12 -5.20
C ARG B 147 30.89 8.97 -5.30
N GLU B 148 31.26 7.95 -6.08
CA GLU B 148 30.44 6.77 -6.28
C GLU B 148 31.29 5.54 -6.04
N LEU B 149 30.70 4.52 -5.42
CA LEU B 149 31.39 3.28 -5.07
C LEU B 149 30.67 2.10 -5.74
N ALA B 150 31.19 1.66 -6.88
CA ALA B 150 30.56 0.58 -7.67
C ALA B 150 31.52 -0.60 -7.76
N GLY B 151 31.33 -1.59 -6.88
CA GLY B 151 32.15 -2.78 -6.91
C GLY B 151 31.43 -4.06 -6.52
N HIS B 152 30.10 -4.05 -6.60
CA HIS B 152 29.29 -5.19 -6.18
C HIS B 152 28.33 -5.61 -7.28
N THR B 153 27.84 -6.85 -7.18
CA THR B 153 26.82 -7.37 -8.07
C THR B 153 25.48 -7.58 -7.38
N GLY B 154 25.35 -7.17 -6.13
CA GLY B 154 24.09 -7.28 -5.41
C GLY B 154 23.72 -5.97 -4.77
N TYR B 155 22.43 -5.84 -4.47
CA TYR B 155 21.92 -4.58 -3.93
C TYR B 155 22.52 -4.27 -2.56
N LEU B 156 22.99 -3.04 -2.42
CA LEU B 156 23.46 -2.55 -1.12
C LEU B 156 22.23 -2.22 -0.29
N SER B 157 21.83 -3.17 0.55
CA SER B 157 20.63 -3.00 1.36
C SER B 157 20.83 -1.96 2.44
N CYS B 158 22.07 -1.76 2.88
CA CYS B 158 22.39 -0.77 3.90
C CYS B 158 23.87 -0.48 3.82
N CYS B 159 24.21 0.81 3.86
CA CYS B 159 25.62 1.21 3.93
C CYS B 159 25.74 2.38 4.90
N ARG B 160 26.47 2.18 5.99
CA ARG B 160 26.63 3.18 7.04
C ARG B 160 28.09 3.55 7.23
N PHE B 161 28.32 4.81 7.58
CA PHE B 161 29.65 5.36 7.72
C PHE B 161 30.33 4.91 9.01
N LEU B 162 31.66 4.98 9.01
CA LEU B 162 32.46 4.94 10.23
C LEU B 162 33.08 6.30 10.51
N ASP B 163 33.68 6.91 9.48
CA ASP B 163 34.23 8.25 9.55
C ASP B 163 33.93 9.00 8.25
N ASP B 164 34.62 10.11 8.03
CA ASP B 164 34.44 10.87 6.80
C ASP B 164 34.97 10.14 5.56
N ASN B 165 35.85 9.17 5.73
CA ASN B 165 36.54 8.53 4.61
C ASN B 165 36.09 7.11 4.32
N GLN B 166 35.99 6.25 5.32
CA GLN B 166 35.68 4.84 5.09
C GLN B 166 34.26 4.52 5.51
N ILE B 167 33.60 3.68 4.70
CA ILE B 167 32.20 3.32 4.88
C ILE B 167 32.03 1.82 4.63
N VAL B 168 31.25 1.16 5.47
CA VAL B 168 30.94 -0.25 5.28
C VAL B 168 29.57 -0.40 4.62
N THR B 169 29.48 -1.36 3.70
CA THR B 169 28.29 -1.63 2.92
C THR B 169 27.93 -3.10 3.05
N SER B 170 26.64 -3.40 3.08
CA SER B 170 26.14 -4.77 3.04
C SER B 170 25.35 -4.97 1.76
N SER B 171 25.83 -5.87 0.90
CA SER B 171 25.31 -6.01 -0.46
C SER B 171 24.41 -7.23 -0.57
N GLY B 172 23.67 -7.28 -1.67
CA GLY B 172 22.74 -8.35 -1.96
C GLY B 172 23.36 -9.58 -2.59
N ASP B 173 24.64 -9.55 -2.92
CA ASP B 173 25.33 -10.71 -3.48
C ASP B 173 26.14 -11.44 -2.41
N THR B 174 25.59 -11.50 -1.20
CA THR B 174 26.12 -12.29 -0.08
C THR B 174 27.51 -11.82 0.33
N THR B 175 27.66 -10.52 0.54
CA THR B 175 28.96 -9.98 0.94
C THR B 175 28.78 -8.63 1.62
N CYS B 176 29.86 -8.19 2.27
CA CYS B 176 29.98 -6.85 2.81
C CYS B 176 31.31 -6.28 2.37
N ALA B 177 31.44 -4.96 2.43
CA ALA B 177 32.67 -4.33 1.96
C ALA B 177 32.94 -3.02 2.69
N LEU B 178 34.16 -2.88 3.19
CA LEU B 178 34.65 -1.62 3.73
C LEU B 178 35.39 -0.90 2.61
N TRP B 179 34.87 0.26 2.21
CA TRP B 179 35.50 1.12 1.23
C TRP B 179 36.16 2.31 1.90
N ASP B 180 37.20 2.83 1.25
CA ASP B 180 37.76 4.15 1.55
C ASP B 180 37.44 5.04 0.36
N ILE B 181 36.68 6.12 0.59
CA ILE B 181 36.22 6.94 -0.52
C ILE B 181 37.31 7.87 -1.03
N GLU B 182 38.47 7.90 -0.37
CA GLU B 182 39.58 8.71 -0.87
C GLU B 182 40.25 8.05 -2.07
N THR B 183 40.36 6.73 -2.05
CA THR B 183 40.97 5.98 -3.13
C THR B 183 39.97 5.43 -4.13
N GLY B 184 38.77 5.07 -3.69
CA GLY B 184 37.77 4.46 -4.54
C GLY B 184 37.85 2.96 -4.65
N GLN B 185 38.85 2.34 -4.04
CA GLN B 185 39.02 0.90 -4.08
C GLN B 185 38.36 0.25 -2.86
N GLN B 186 37.78 -0.93 -3.08
CA GLN B 186 37.16 -1.69 -2.01
C GLN B 186 38.27 -2.17 -1.08
N THR B 187 38.39 -1.51 0.08
CA THR B 187 39.54 -1.75 0.96
C THR B 187 39.51 -3.17 1.53
N THR B 188 38.35 -3.61 2.02
CA THR B 188 38.23 -4.93 2.61
C THR B 188 36.93 -5.59 2.16
N THR B 189 37.00 -6.87 1.84
CA THR B 189 35.83 -7.65 1.46
C THR B 189 35.49 -8.64 2.57
N PHE B 190 34.20 -8.94 2.71
CA PHE B 190 33.69 -9.80 3.77
C PHE B 190 32.76 -10.82 3.13
N THR B 191 33.18 -12.08 3.12
CA THR B 191 32.38 -13.17 2.58
C THR B 191 32.31 -14.31 3.59
N GLY B 192 31.26 -15.12 3.48
CA GLY B 192 31.03 -16.19 4.42
C GLY B 192 29.57 -16.41 4.70
N HIS B 193 28.73 -15.49 4.25
CA HIS B 193 27.28 -15.64 4.34
C HIS B 193 26.77 -16.39 3.10
N THR B 194 26.03 -17.47 3.34
CA THR B 194 25.38 -18.22 2.27
C THR B 194 23.94 -17.78 2.06
N GLY B 195 23.64 -16.51 2.32
CA GLY B 195 22.31 -15.99 2.09
C GLY B 195 22.38 -14.50 1.79
N ASP B 196 21.34 -14.01 1.12
CA ASP B 196 21.28 -12.62 0.70
C ASP B 196 21.35 -11.68 1.90
N VAL B 197 22.40 -10.87 1.98
CA VAL B 197 22.59 -9.99 3.13
C VAL B 197 21.59 -8.85 3.07
N MET B 198 20.89 -8.62 4.19
CA MET B 198 19.83 -7.62 4.25
C MET B 198 20.10 -6.44 5.16
N SER B 199 20.89 -6.60 6.22
CA SER B 199 21.10 -5.47 7.12
C SER B 199 22.45 -5.59 7.81
N LEU B 200 22.95 -4.47 8.32
CA LEU B 200 24.13 -4.48 9.17
C LEU B 200 24.01 -3.37 10.20
N SER B 201 24.67 -3.57 11.32
CA SER B 201 24.75 -2.60 12.39
C SER B 201 26.21 -2.38 12.78
N LEU B 202 26.51 -1.13 13.13
CA LEU B 202 27.87 -0.70 13.46
C LEU B 202 27.99 -0.56 14.97
N ALA B 203 29.04 -1.12 15.53
CA ALA B 203 29.26 -1.02 16.97
C ALA B 203 29.62 0.42 17.35
N PRO B 204 29.37 0.82 18.60
CA PRO B 204 29.73 2.18 19.01
C PRO B 204 31.22 2.49 18.89
N ASP B 205 32.09 1.51 19.13
CA ASP B 205 33.52 1.72 18.94
C ASP B 205 33.97 1.53 17.50
N THR B 206 33.06 1.09 16.62
CA THR B 206 33.32 0.84 15.20
C THR B 206 34.51 -0.10 14.97
N ARG B 207 34.75 -1.03 15.89
CA ARG B 207 35.73 -2.09 15.69
C ARG B 207 35.10 -3.38 15.20
N LEU B 208 33.78 -3.52 15.34
CA LEU B 208 33.05 -4.66 14.84
C LEU B 208 31.82 -4.15 14.10
N PHE B 209 31.37 -4.91 13.10
CA PHE B 209 30.05 -4.64 12.57
C PHE B 209 29.34 -5.95 12.29
N VAL B 210 28.08 -6.04 12.75
CA VAL B 210 27.31 -7.27 12.65
C VAL B 210 26.43 -7.17 11.42
N SER B 211 26.15 -8.31 10.80
CA SER B 211 25.42 -8.34 9.55
C SER B 211 24.45 -9.52 9.56
N GLY B 212 23.23 -9.26 9.12
CA GLY B 212 22.18 -10.27 9.04
C GLY B 212 21.73 -10.45 7.60
N ALA B 213 21.59 -11.72 7.21
CA ALA B 213 21.35 -12.13 5.84
C ALA B 213 20.09 -12.99 5.79
N CYS B 214 19.73 -13.42 4.57
CA CYS B 214 18.65 -14.37 4.37
C CYS B 214 19.03 -15.78 4.76
N ASP B 215 20.29 -16.01 5.15
CA ASP B 215 20.79 -17.27 5.66
C ASP B 215 20.23 -17.63 7.03
N ALA B 216 19.36 -16.79 7.60
CA ALA B 216 18.87 -16.94 8.97
C ALA B 216 20.00 -16.99 9.98
N SER B 217 21.06 -16.21 9.72
CA SER B 217 22.21 -16.14 10.62
C SER B 217 22.78 -14.73 10.60
N ALA B 218 23.36 -14.34 11.72
CA ALA B 218 23.96 -13.01 11.87
C ALA B 218 25.39 -13.16 12.36
N LYS B 219 26.32 -12.54 11.64
CA LYS B 219 27.74 -12.71 11.91
C LYS B 219 28.41 -11.36 12.07
N LEU B 220 29.44 -11.31 12.92
CA LEU B 220 30.27 -10.13 13.07
C LEU B 220 31.35 -10.13 12.01
N TRP B 221 31.89 -8.95 11.73
CA TRP B 221 33.10 -8.80 10.92
C TRP B 221 33.96 -7.70 11.52
N ASP B 222 35.26 -7.95 11.59
CA ASP B 222 36.20 -6.93 12.02
C ASP B 222 36.42 -5.93 10.89
N VAL B 223 36.53 -4.65 11.25
CA VAL B 223 36.69 -3.61 10.24
C VAL B 223 38.01 -3.76 9.50
N ARG B 224 39.08 -4.06 10.24
CA ARG B 224 40.41 -4.12 9.65
C ARG B 224 40.77 -5.51 9.14
N GLU B 225 40.72 -6.52 10.01
CA GLU B 225 41.19 -7.84 9.64
C GLU B 225 40.24 -8.53 8.66
N GLY B 226 38.94 -8.48 8.93
CA GLY B 226 37.96 -8.97 7.98
C GLY B 226 37.66 -10.44 8.04
N MET B 227 37.54 -11.02 9.23
CA MET B 227 37.09 -12.39 9.41
C MET B 227 35.97 -12.44 10.45
N CYS B 228 35.08 -13.41 10.29
CA CYS B 228 33.94 -13.57 11.19
C CYS B 228 34.34 -14.48 12.35
N ARG B 229 34.39 -13.90 13.56
CA ARG B 229 34.77 -14.69 14.73
C ARG B 229 33.61 -15.53 15.26
N GLN B 230 32.43 -14.94 15.41
CA GLN B 230 31.29 -15.61 16.01
C GLN B 230 30.19 -15.83 14.98
N THR B 231 29.61 -17.02 14.98
CA THR B 231 28.50 -17.38 14.11
C THR B 231 27.27 -17.63 14.98
N PHE B 232 26.19 -16.92 14.67
CA PHE B 232 24.93 -17.08 15.38
C PHE B 232 23.84 -17.48 14.41
N THR B 233 23.32 -18.69 14.57
CA THR B 233 22.24 -19.22 13.72
C THR B 233 21.16 -19.79 14.63
N GLY B 234 20.23 -18.92 15.03
CA GLY B 234 19.14 -19.32 15.88
C GLY B 234 17.80 -18.86 15.35
N HIS B 235 17.83 -18.13 14.24
CA HIS B 235 16.61 -17.65 13.63
C HIS B 235 15.93 -18.77 12.83
N GLU B 236 14.79 -18.43 12.25
CA GLU B 236 13.92 -19.40 11.61
C GLU B 236 13.55 -19.04 10.19
N SER B 237 13.59 -17.75 9.84
CA SER B 237 13.28 -17.29 8.50
C SER B 237 14.28 -16.20 8.13
N ASP B 238 14.00 -15.49 7.04
CA ASP B 238 14.93 -14.48 6.54
C ASP B 238 15.01 -13.30 7.49
N ILE B 239 16.24 -12.85 7.75
CA ILE B 239 16.48 -11.69 8.60
C ILE B 239 16.27 -10.42 7.79
N ASN B 240 15.50 -9.48 8.33
CA ASN B 240 15.21 -8.23 7.65
C ASN B 240 15.82 -7.00 8.32
N ALA B 241 16.17 -7.07 9.60
CA ALA B 241 16.78 -5.92 10.26
C ALA B 241 17.68 -6.39 11.39
N ILE B 242 18.62 -5.52 11.76
CA ILE B 242 19.52 -5.81 12.87
C ILE B 242 20.01 -4.46 13.43
N CYS B 243 20.32 -4.46 14.73
CA CYS B 243 20.76 -3.23 15.38
C CYS B 243 21.58 -3.58 16.62
N PHE B 244 22.75 -2.97 16.74
CA PHE B 244 23.57 -3.16 17.93
C PHE B 244 22.87 -2.62 19.17
N PHE B 245 23.05 -3.33 20.28
CA PHE B 245 22.69 -2.81 21.58
C PHE B 245 23.61 -1.63 21.91
N PRO B 246 23.11 -0.63 22.64
CA PRO B 246 23.95 0.55 22.93
C PRO B 246 25.25 0.24 23.63
N ASN B 247 25.30 -0.81 24.46
CA ASN B 247 26.56 -1.19 25.09
C ASN B 247 27.57 -1.70 24.07
N GLY B 248 27.10 -2.17 22.91
CA GLY B 248 27.97 -2.72 21.90
C GLY B 248 28.35 -4.17 22.11
N ASN B 249 27.92 -4.78 23.20
CA ASN B 249 28.20 -6.18 23.49
C ASN B 249 27.11 -7.12 23.04
N ALA B 250 26.06 -6.60 22.39
CA ALA B 250 24.92 -7.40 21.99
C ALA B 250 24.28 -6.76 20.77
N PHE B 251 23.40 -7.51 20.12
CA PHE B 251 22.69 -6.99 18.96
C PHE B 251 21.37 -7.72 18.79
N ALA B 252 20.32 -6.95 18.51
CA ALA B 252 19.00 -7.51 18.26
C ALA B 252 18.78 -7.65 16.76
N THR B 253 17.99 -8.66 16.39
CA THR B 253 17.82 -9.02 14.99
C THR B 253 16.38 -9.41 14.75
N GLY B 254 15.72 -8.73 13.81
CA GLY B 254 14.35 -8.98 13.46
C GLY B 254 14.25 -9.69 12.11
N SER B 255 13.65 -10.87 12.13
CA SER B 255 13.48 -11.72 10.97
C SER B 255 12.05 -11.61 10.45
N ASP B 256 11.78 -12.39 9.39
CA ASP B 256 10.46 -12.44 8.79
C ASP B 256 9.59 -13.55 9.38
N ASP B 257 10.10 -14.26 10.40
CA ASP B 257 9.33 -15.29 11.08
C ASP B 257 8.43 -14.72 12.17
N ALA B 258 8.16 -13.41 12.15
CA ALA B 258 7.38 -12.72 13.17
C ALA B 258 7.98 -12.90 14.56
N THR B 259 9.31 -12.89 14.64
CA THR B 259 10.01 -13.10 15.90
C THR B 259 11.33 -12.35 15.87
N CYS B 260 11.61 -11.60 16.94
CA CYS B 260 12.90 -10.94 17.10
C CYS B 260 13.76 -11.74 18.07
N ARG B 261 15.07 -11.72 17.84
CA ARG B 261 16.00 -12.42 18.70
C ARG B 261 17.16 -11.49 19.06
N LEU B 262 17.45 -11.40 20.35
CA LEU B 262 18.58 -10.60 20.84
C LEU B 262 19.73 -11.55 21.15
N PHE B 263 20.84 -11.37 20.44
CA PHE B 263 22.04 -12.17 20.63
C PHE B 263 23.06 -11.40 21.45
N ASP B 264 23.72 -12.12 22.36
CA ASP B 264 24.85 -11.57 23.10
C ASP B 264 26.09 -12.35 22.73
N LEU B 265 27.22 -11.65 22.67
CA LEU B 265 28.44 -12.22 22.13
C LEU B 265 29.11 -13.22 23.04
N ARG B 266 28.64 -13.36 24.29
CA ARG B 266 29.22 -14.33 25.20
C ARG B 266 28.89 -15.76 24.82
N ALA B 267 27.95 -15.95 23.88
CA ALA B 267 27.60 -17.29 23.41
C ALA B 267 28.74 -17.88 22.59
N GLU B 270 19.40 -16.41 20.40
CA GLU B 270 19.05 -17.45 21.35
C GLU B 270 19.16 -16.93 22.78
N LEU B 271 19.88 -15.82 22.95
CA LEU B 271 20.03 -15.23 24.27
C LEU B 271 18.71 -14.66 24.77
N MET B 272 17.96 -14.00 23.90
CA MET B 272 16.63 -13.52 24.26
C MET B 272 15.74 -13.58 23.03
N THR B 273 14.43 -13.74 23.25
CA THR B 273 13.47 -13.78 22.15
C THR B 273 12.29 -12.87 22.47
N TYR B 274 11.70 -12.33 21.41
CA TYR B 274 10.52 -11.47 21.48
C TYR B 274 9.54 -11.95 20.42
N SER B 275 8.46 -12.59 20.87
CA SER B 275 7.44 -13.08 19.96
C SER B 275 6.16 -13.32 20.75
N HIS B 276 5.05 -13.42 20.03
CA HIS B 276 3.75 -13.71 20.63
C HIS B 276 2.91 -14.49 19.63
N ASP B 277 1.88 -15.17 20.16
CA ASP B 277 1.00 -15.95 19.31
C ASP B 277 0.15 -15.06 18.41
N ASN B 278 -0.30 -13.91 18.94
CA ASN B 278 -1.16 -13.03 18.17
C ASN B 278 -0.46 -12.45 16.94
N ILE B 279 0.80 -12.05 17.09
CA ILE B 279 1.56 -11.53 15.96
C ILE B 279 1.94 -12.68 15.03
N ILE B 280 1.58 -12.55 13.75
CA ILE B 280 1.88 -13.56 12.74
C ILE B 280 2.52 -12.87 11.55
N CYS B 281 3.09 -11.69 11.78
CA CYS B 281 3.62 -10.86 10.70
C CYS B 281 5.03 -10.41 11.05
N GLY B 282 5.85 -10.23 10.01
CA GLY B 282 7.27 -10.09 10.16
C GLY B 282 7.69 -8.74 10.74
N ILE B 283 9.01 -8.54 10.73
CA ILE B 283 9.65 -7.35 11.29
C ILE B 283 10.47 -6.69 10.19
N THR B 284 10.35 -5.37 10.07
CA THR B 284 11.04 -4.63 9.02
C THR B 284 12.27 -3.89 9.53
N SER B 285 12.14 -3.14 10.62
CA SER B 285 13.25 -2.37 11.15
C SER B 285 13.24 -2.46 12.67
N VAL B 286 14.42 -2.63 13.26
CA VAL B 286 14.58 -2.74 14.70
C VAL B 286 15.50 -1.62 15.17
N SER B 287 15.13 -0.97 16.28
CA SER B 287 15.92 0.12 16.81
C SER B 287 15.93 0.02 18.33
N PHE B 288 17.00 0.55 18.93
CA PHE B 288 17.20 0.55 20.37
C PHE B 288 17.17 1.99 20.88
N SER B 289 16.83 2.14 22.15
CA SER B 289 16.87 3.44 22.81
C SER B 289 18.29 3.76 23.23
N LYS B 290 18.49 4.89 23.91
CA LYS B 290 19.83 5.27 24.35
C LYS B 290 20.34 4.33 25.43
N SER B 291 19.51 4.04 26.44
CA SER B 291 19.92 3.17 27.52
C SER B 291 19.81 1.69 27.17
N GLY B 292 19.10 1.35 26.11
CA GLY B 292 18.95 -0.03 25.69
C GLY B 292 17.84 -0.79 26.39
N ARG B 293 17.17 -0.20 27.37
CA ARG B 293 16.10 -0.87 28.07
C ARG B 293 14.84 -0.99 27.23
N LEU B 294 14.77 -0.31 26.08
CA LEU B 294 13.55 -0.24 25.29
C LEU B 294 13.90 -0.54 23.84
N LEU B 295 13.01 -1.23 23.13
CA LEU B 295 13.25 -1.63 21.75
C LEU B 295 12.01 -1.32 20.92
N LEU B 296 12.20 -0.99 19.65
CA LEU B 296 11.09 -0.70 18.75
C LEU B 296 11.27 -1.47 17.47
N ALA B 297 10.28 -2.29 17.09
CA ALA B 297 10.35 -3.10 15.90
C ALA B 297 9.22 -2.68 14.95
N GLY B 298 9.58 -2.41 13.70
CA GLY B 298 8.62 -1.99 12.71
C GLY B 298 7.89 -3.15 12.07
N TYR B 299 6.94 -3.74 12.78
CA TYR B 299 6.15 -4.83 12.22
C TYR B 299 5.32 -4.33 11.04
N ASP B 300 4.96 -5.28 10.17
CA ASP B 300 4.10 -5.01 9.03
C ASP B 300 2.63 -5.18 9.35
N ASP B 301 2.25 -5.01 10.63
CA ASP B 301 0.86 -4.81 11.01
C ASP B 301 0.39 -3.37 10.76
N PHE B 302 1.14 -2.65 9.93
CA PHE B 302 0.94 -1.24 9.61
C PHE B 302 1.16 -0.33 10.81
N ASN B 303 1.83 -0.83 11.85
CA ASN B 303 2.14 -0.03 13.01
C ASN B 303 3.34 -0.63 13.73
N CYS B 304 4.09 0.23 14.40
CA CYS B 304 5.26 -0.21 15.15
C CYS B 304 4.84 -0.94 16.42
N ASN B 305 5.67 -1.88 16.85
CA ASN B 305 5.46 -2.55 18.13
C ASN B 305 6.68 -2.30 19.00
N VAL B 306 6.45 -1.74 20.18
CA VAL B 306 7.51 -1.39 21.10
C VAL B 306 7.61 -2.50 22.14
N TRP B 307 8.77 -3.15 22.21
CA TRP B 307 9.04 -4.26 23.10
C TRP B 307 10.04 -3.83 24.18
N ASP B 308 10.13 -4.65 25.22
CA ASP B 308 11.16 -4.47 26.24
C ASP B 308 12.29 -5.44 25.96
N ALA B 309 13.52 -4.94 25.94
CA ALA B 309 14.66 -5.79 25.62
C ALA B 309 14.91 -6.85 26.68
N LEU B 310 14.54 -6.56 27.93
CA LEU B 310 14.82 -7.48 29.03
C LEU B 310 13.61 -8.28 29.50
N LYS B 311 12.40 -7.75 29.34
CA LYS B 311 11.20 -8.45 29.80
C LYS B 311 10.48 -9.20 28.70
N ALA B 312 10.71 -8.83 27.43
CA ALA B 312 10.09 -9.47 26.27
C ALA B 312 8.56 -9.43 26.36
N ASP B 313 8.03 -8.34 26.88
CA ASP B 313 6.60 -8.12 27.00
C ASP B 313 6.14 -7.06 26.02
N ARG B 314 4.84 -6.77 26.04
CA ARG B 314 4.25 -5.77 25.15
C ARG B 314 4.35 -4.40 25.83
N ALA B 315 5.45 -3.70 25.54
CA ALA B 315 5.62 -2.36 26.11
C ALA B 315 4.61 -1.38 25.50
N GLY B 316 4.34 -1.48 24.21
CA GLY B 316 3.36 -0.59 23.61
C GLY B 316 3.23 -0.83 22.13
N VAL B 317 2.31 -0.07 21.52
CA VAL B 317 2.06 -0.10 20.09
C VAL B 317 2.04 1.33 19.58
N LEU B 318 2.86 1.60 18.57
CA LEU B 318 2.88 2.92 17.92
C LEU B 318 2.07 2.81 16.63
N ALA B 319 0.78 3.13 16.75
CA ALA B 319 -0.11 3.16 15.60
C ALA B 319 -0.19 4.56 15.02
N GLY B 320 -0.59 4.64 13.76
CA GLY B 320 -0.72 5.93 13.10
C GLY B 320 -0.25 5.89 11.66
N HIS B 321 0.33 4.77 11.26
CA HIS B 321 0.87 4.63 9.92
C HIS B 321 -0.06 3.78 9.07
N ASP B 322 -0.11 4.07 7.77
CA ASP B 322 -1.02 3.36 6.88
C ASP B 322 -0.41 2.11 6.27
N ASN B 323 0.91 2.04 6.16
CA ASN B 323 1.55 0.95 5.41
C ASN B 323 2.70 0.38 6.24
N ARG B 324 3.52 -0.44 5.58
CA ARG B 324 4.69 -1.05 6.20
C ARG B 324 5.62 0.01 6.77
N VAL B 325 6.00 -0.17 8.03
CA VAL B 325 6.96 0.73 8.67
C VAL B 325 8.33 0.41 8.10
N SER B 326 8.81 1.26 7.19
CA SER B 326 10.02 0.94 6.45
C SER B 326 11.25 1.06 7.34
N CYS B 327 11.39 2.15 8.08
CA CYS B 327 12.61 2.34 8.86
C CYS B 327 12.29 3.07 10.17
N LEU B 328 13.14 2.82 11.16
CA LEU B 328 13.02 3.40 12.49
C LEU B 328 14.36 4.00 12.90
N GLY B 329 14.32 5.03 13.72
CA GLY B 329 15.54 5.64 14.23
C GLY B 329 15.33 6.29 15.57
N VAL B 330 16.37 6.22 16.40
CA VAL B 330 16.40 6.83 17.72
C VAL B 330 17.64 7.71 17.83
N THR B 331 17.50 8.85 18.50
CA THR B 331 18.56 9.83 18.57
C THR B 331 19.74 9.32 19.40
N ASP B 332 20.85 10.04 19.31
CA ASP B 332 22.01 9.73 20.15
C ASP B 332 21.70 9.95 21.61
N ASP B 333 20.95 11.01 21.94
CA ASP B 333 20.58 11.32 23.31
C ASP B 333 19.26 10.70 23.74
N GLY B 334 18.63 9.90 22.88
CA GLY B 334 17.39 9.24 23.25
C GLY B 334 16.18 10.15 23.30
N MET B 335 16.20 11.28 22.60
CA MET B 335 15.12 12.26 22.74
C MET B 335 13.91 11.89 21.91
N ALA B 336 14.10 11.64 20.62
CA ALA B 336 12.99 11.46 19.69
C ALA B 336 13.15 10.18 18.89
N VAL B 337 12.03 9.63 18.44
CA VAL B 337 11.99 8.47 17.57
C VAL B 337 11.39 8.91 16.23
N ALA B 338 12.15 8.71 15.17
CA ALA B 338 11.68 9.03 13.83
C ALA B 338 11.28 7.74 13.13
N THR B 339 10.06 7.71 12.62
CA THR B 339 9.51 6.53 11.96
C THR B 339 9.15 6.88 10.53
N GLY B 340 9.63 6.10 9.58
CA GLY B 340 9.33 6.32 8.18
C GLY B 340 8.67 5.13 7.54
N SER B 341 7.41 5.31 7.12
CA SER B 341 6.62 4.30 6.45
C SER B 341 6.31 4.77 5.03
N TRP B 342 5.47 4.01 4.32
CA TRP B 342 5.13 4.31 2.94
C TRP B 342 4.04 5.36 2.81
N ASP B 343 3.51 5.90 3.90
CA ASP B 343 2.56 6.99 3.83
C ASP B 343 3.23 8.34 3.67
N SER B 344 4.53 8.35 3.33
CA SER B 344 5.29 9.57 3.02
C SER B 344 5.42 10.48 4.24
N PHE B 345 5.34 9.92 5.44
CA PHE B 345 5.37 10.69 6.68
C PHE B 345 6.57 10.28 7.52
N LEU B 346 7.31 11.26 8.02
CA LEU B 346 8.23 11.05 9.13
C LEU B 346 7.47 11.35 10.41
N LYS B 347 7.07 10.31 11.13
CA LYS B 347 6.37 10.49 12.39
C LYS B 347 7.39 10.55 13.52
N ILE B 348 7.38 11.65 14.28
CA ILE B 348 8.27 11.83 15.41
C ILE B 348 7.49 11.48 16.67
N TRP B 349 8.10 10.68 17.55
CA TRP B 349 7.47 10.21 18.76
C TRP B 349 8.38 10.53 19.93
N ASN B 350 7.79 11.12 20.97
CA ASN B 350 8.56 11.51 22.17
C ASN B 350 7.82 11.11 23.44
N GLU C 47 18.74 9.20 31.64
CA GLU C 47 19.31 9.34 30.30
C GLU C 47 18.43 8.65 29.26
N ASP C 48 17.16 8.48 29.58
CA ASP C 48 16.19 7.81 28.71
C ASP C 48 14.94 8.67 28.58
N PRO C 49 14.97 9.71 27.75
CA PRO C 49 13.78 10.55 27.57
C PRO C 49 12.58 9.82 27.00
N LEU C 50 12.80 8.71 26.28
CA LEU C 50 11.68 7.95 25.74
C LEU C 50 10.92 7.21 26.85
N LEU C 51 11.64 6.57 27.77
CA LEU C 51 10.99 5.79 28.81
C LEU C 51 10.31 6.70 29.83
N THR C 52 10.99 7.78 30.24
CA THR C 52 10.44 8.70 31.22
C THR C 52 10.66 10.14 30.73
N PRO C 53 9.71 11.05 31.03
CA PRO C 53 9.87 12.46 30.66
C PRO C 53 11.01 13.14 31.42
N GLN D 1 19.47 -22.57 13.98
CA GLN D 1 20.05 -23.44 12.95
C GLN D 1 18.97 -24.28 12.27
N VAL D 2 18.49 -23.81 11.13
CA VAL D 2 17.49 -24.54 10.37
C VAL D 2 18.14 -25.77 9.74
N GLN D 3 17.63 -26.96 10.06
CA GLN D 3 18.16 -28.21 9.56
C GLN D 3 17.07 -28.98 8.84
N LEU D 4 17.40 -29.45 7.64
CA LEU D 4 16.54 -30.35 6.87
C LEU D 4 17.33 -31.60 6.54
N GLN D 5 16.81 -32.76 6.94
CA GLN D 5 17.50 -34.03 6.73
C GLN D 5 16.64 -34.93 5.86
N GLU D 6 17.26 -35.51 4.84
CA GLU D 6 16.58 -36.44 3.94
C GLU D 6 17.00 -37.86 4.30
N SER D 7 16.01 -38.73 4.50
CA SER D 7 16.24 -40.11 4.88
C SER D 7 15.48 -41.02 3.91
N GLY D 8 16.03 -42.23 3.73
CA GLY D 8 15.47 -43.17 2.78
C GLY D 8 16.10 -43.01 1.41
N GLY D 9 16.46 -44.14 0.79
CA GLY D 9 17.11 -44.10 -0.50
C GLY D 9 17.40 -45.48 -1.06
N GLY D 10 18.46 -45.58 -1.85
CA GLY D 10 18.84 -46.84 -2.45
C GLY D 10 18.35 -46.97 -3.88
N LEU D 11 19.10 -47.71 -4.69
CA LEU D 11 18.76 -47.89 -6.09
C LEU D 11 17.49 -48.74 -6.20
N VAL D 12 16.58 -48.31 -7.06
CA VAL D 12 15.28 -48.96 -7.22
C VAL D 12 15.08 -49.25 -8.70
N GLN D 13 14.62 -50.47 -9.00
CA GLN D 13 14.30 -50.82 -10.37
C GLN D 13 13.15 -49.95 -10.87
N PRO D 14 13.10 -49.68 -12.18
CA PRO D 14 12.02 -48.84 -12.71
C PRO D 14 10.65 -49.44 -12.43
N GLY D 15 9.71 -48.57 -12.06
CA GLY D 15 8.41 -49.02 -11.61
C GLY D 15 8.36 -49.47 -10.17
N GLY D 16 9.38 -49.16 -9.37
CA GLY D 16 9.46 -49.61 -8.00
C GLY D 16 8.91 -48.60 -7.00
N SER D 17 9.13 -48.89 -5.72
CA SER D 17 8.60 -48.08 -4.62
C SER D 17 9.69 -47.80 -3.60
N LEU D 18 9.52 -46.70 -2.88
CA LEU D 18 10.48 -46.21 -1.90
C LEU D 18 9.79 -45.15 -1.05
N ARG D 19 10.48 -44.75 0.02
CA ARG D 19 9.97 -43.71 0.91
C ARG D 19 11.04 -42.65 1.10
N LEU D 20 10.62 -41.39 1.12
CA LEU D 20 11.52 -40.25 1.35
C LEU D 20 11.01 -39.47 2.55
N SER D 21 11.85 -39.36 3.58
CA SER D 21 11.48 -38.69 4.82
C SER D 21 12.28 -37.40 4.95
N CYS D 22 11.57 -36.27 4.96
CA CYS D 22 12.15 -34.96 5.23
C CYS D 22 11.90 -34.63 6.70
N ALA D 23 12.94 -34.74 7.51
CA ALA D 23 12.88 -34.38 8.92
C ALA D 23 13.36 -32.95 9.11
N ALA D 24 12.56 -32.14 9.79
CA ALA D 24 12.86 -30.74 10.02
C ALA D 24 13.26 -30.53 11.48
N SER D 25 14.38 -29.84 11.69
CA SER D 25 14.91 -29.63 13.02
C SER D 25 15.25 -28.16 13.20
N GLY D 26 14.89 -27.62 14.36
CA GLY D 26 15.16 -26.23 14.69
C GLY D 26 13.99 -25.29 14.48
N PHE D 27 12.88 -25.76 13.90
CA PHE D 27 11.75 -24.89 13.62
C PHE D 27 10.48 -25.71 13.55
N THR D 28 9.35 -25.01 13.68
CA THR D 28 8.05 -25.67 13.63
C THR D 28 7.69 -26.02 12.19
N PHE D 29 7.31 -27.28 11.98
CA PHE D 29 7.02 -27.77 10.64
C PHE D 29 5.65 -27.32 10.14
N SER D 30 4.74 -26.96 11.05
CA SER D 30 3.35 -26.75 10.67
C SER D 30 3.13 -25.45 9.93
N ASN D 31 3.83 -24.37 10.32
CA ASN D 31 3.52 -23.04 9.79
C ASN D 31 3.93 -22.86 8.35
N TYR D 32 4.85 -23.68 7.84
CA TYR D 32 5.44 -23.50 6.52
C TYR D 32 4.88 -24.47 5.51
N LYS D 33 4.47 -23.93 4.36
CA LYS D 33 4.21 -24.74 3.19
C LYS D 33 5.51 -25.40 2.74
N MET D 34 5.44 -26.67 2.37
CA MET D 34 6.64 -27.46 2.10
C MET D 34 6.65 -27.93 0.66
N ASN D 35 7.85 -28.18 0.14
CA ASN D 35 8.04 -28.61 -1.24
C ASN D 35 9.06 -29.73 -1.30
N TRP D 36 8.87 -30.62 -2.26
CA TRP D 36 9.89 -31.57 -2.68
C TRP D 36 10.48 -31.10 -4.00
N VAL D 37 11.82 -31.10 -4.07
CA VAL D 37 12.62 -30.63 -5.19
C VAL D 37 13.50 -31.78 -5.61
N ARG D 38 13.93 -31.79 -6.87
CA ARG D 38 14.94 -32.77 -7.27
C ARG D 38 15.85 -32.17 -8.32
N GLN D 39 17.14 -32.49 -8.19
CA GLN D 39 18.18 -32.09 -9.14
C GLN D 39 18.65 -33.32 -9.90
N ALA D 40 18.43 -33.32 -11.18
CA ALA D 40 18.91 -34.36 -12.07
C ALA D 40 20.28 -33.96 -12.63
N PRO D 41 21.11 -34.95 -12.99
CA PRO D 41 22.40 -34.62 -13.61
C PRO D 41 22.19 -33.89 -14.94
N GLY D 42 22.95 -32.81 -15.12
CA GLY D 42 22.83 -32.00 -16.31
C GLY D 42 21.61 -31.09 -16.35
N LYS D 43 20.85 -31.03 -15.27
CA LYS D 43 19.64 -30.22 -15.21
C LYS D 43 19.67 -29.32 -13.99
N GLY D 44 18.88 -28.25 -14.05
CA GLY D 44 18.74 -27.34 -12.93
C GLY D 44 17.75 -27.84 -11.90
N LEU D 45 17.62 -27.06 -10.83
CA LEU D 45 16.71 -27.40 -9.76
C LEU D 45 15.26 -27.19 -10.18
N GLU D 46 14.38 -28.02 -9.62
CA GLU D 46 12.94 -27.94 -9.94
C GLU D 46 12.18 -28.57 -8.80
N TRP D 47 11.41 -27.78 -8.05
CA TRP D 47 10.57 -28.36 -7.02
C TRP D 47 9.38 -29.06 -7.67
N VAL D 48 9.13 -30.30 -7.22
CA VAL D 48 8.20 -31.18 -7.90
C VAL D 48 6.87 -31.30 -7.16
N SER D 49 6.86 -31.05 -5.86
CA SER D 49 5.60 -31.16 -5.12
C SER D 49 5.49 -30.05 -4.09
N ASP D 50 4.28 -29.54 -3.85
CA ASP D 50 4.04 -28.61 -2.75
C ASP D 50 2.82 -29.03 -1.97
N ILE D 51 2.90 -28.86 -0.66
CA ILE D 51 1.80 -29.14 0.26
C ILE D 51 1.67 -27.97 1.23
N SER D 52 0.42 -27.59 1.52
CA SER D 52 0.13 -26.41 2.32
C SER D 52 0.39 -26.71 3.80
N GLN D 53 0.02 -25.76 4.66
CA GLN D 53 0.37 -25.87 6.08
C GLN D 53 -0.45 -26.95 6.77
N SER D 54 -1.75 -26.98 6.51
CA SER D 54 -2.64 -27.98 7.12
C SER D 54 -2.84 -29.19 6.23
N GLY D 55 -2.20 -29.24 5.06
CA GLY D 55 -2.39 -30.34 4.15
C GLY D 55 -3.65 -30.27 3.32
N ALA D 56 -4.46 -29.22 3.49
CA ALA D 56 -5.70 -29.10 2.73
C ALA D 56 -5.42 -28.93 1.24
N SER D 57 -4.42 -28.13 0.89
CA SER D 57 -4.09 -27.85 -0.50
C SER D 57 -2.79 -28.56 -0.86
N ILE D 58 -2.85 -29.42 -1.86
CA ILE D 58 -1.70 -30.19 -2.33
C ILE D 58 -1.63 -30.07 -3.83
N SER D 59 -0.45 -29.74 -4.35
CA SER D 59 -0.27 -29.65 -5.80
C SER D 59 1.00 -30.37 -6.21
N TYR D 60 0.97 -30.97 -7.40
CA TYR D 60 2.05 -31.78 -7.92
C TYR D 60 2.45 -31.29 -9.29
N THR D 61 3.73 -31.43 -9.60
CA THR D 61 4.17 -31.28 -10.98
C THR D 61 3.70 -32.48 -11.80
N GLY D 62 3.65 -32.29 -13.13
CA GLY D 62 3.09 -33.31 -14.00
C GLY D 62 3.81 -34.64 -13.94
N SER D 63 5.13 -34.61 -13.76
CA SER D 63 5.90 -35.84 -13.61
C SER D 63 5.65 -36.53 -12.28
N VAL D 64 4.91 -35.89 -11.38
CA VAL D 64 4.63 -36.44 -10.05
C VAL D 64 3.15 -36.76 -9.85
N LYS D 65 2.24 -36.11 -10.58
CA LYS D 65 0.82 -36.21 -10.31
C LYS D 65 0.32 -37.65 -10.37
N GLY D 66 0.63 -38.36 -11.45
CA GLY D 66 0.16 -39.71 -11.62
C GLY D 66 1.01 -40.80 -10.99
N ARG D 67 2.24 -40.49 -10.59
CA ARG D 67 3.15 -41.54 -10.14
C ARG D 67 3.13 -41.69 -8.62
N PHE D 68 3.51 -40.64 -7.89
CA PHE D 68 3.73 -40.75 -6.46
C PHE D 68 3.22 -39.49 -5.76
N THR D 69 3.06 -39.60 -4.44
CA THR D 69 2.31 -38.61 -3.68
C THR D 69 3.11 -38.13 -2.46
N ILE D 70 2.57 -37.10 -1.80
CA ILE D 70 3.20 -36.42 -0.68
C ILE D 70 2.22 -36.43 0.49
N SER D 71 2.77 -36.26 1.69
CA SER D 71 1.96 -36.15 2.89
C SER D 71 2.78 -35.46 3.98
N ARG D 72 2.08 -34.88 4.95
CA ARG D 72 2.70 -34.25 6.11
C ARG D 72 2.39 -35.07 7.35
N ASP D 73 3.44 -35.51 8.05
CA ASP D 73 3.29 -36.07 9.39
C ASP D 73 3.68 -34.96 10.36
N ASN D 74 2.71 -34.10 10.65
CA ASN D 74 2.96 -32.91 11.45
C ASN D 74 3.26 -33.29 12.90
N ALA D 75 2.66 -34.38 13.39
CA ALA D 75 2.98 -34.87 14.72
C ALA D 75 4.45 -35.29 14.81
N LYS D 76 4.96 -35.95 13.77
CA LYS D 76 6.36 -36.28 13.66
C LYS D 76 7.18 -35.17 13.03
N ASN D 77 6.55 -34.02 12.75
CA ASN D 77 7.15 -32.85 12.08
C ASN D 77 8.06 -33.26 10.93
N THR D 78 7.47 -33.96 9.97
CA THR D 78 8.22 -34.48 8.84
C THR D 78 7.34 -34.57 7.60
N LEU D 79 7.99 -34.73 6.46
CA LEU D 79 7.33 -34.81 5.15
C LEU D 79 7.60 -36.17 4.54
N TYR D 80 6.54 -36.88 4.18
CA TYR D 80 6.65 -38.17 3.50
C TYR D 80 6.42 -37.98 2.01
N LEU D 81 7.37 -38.43 1.20
CA LEU D 81 7.16 -38.61 -0.24
C LEU D 81 7.13 -40.10 -0.50
N GLN D 82 5.97 -40.62 -0.88
CA GLN D 82 5.77 -42.06 -1.06
C GLN D 82 6.06 -42.40 -2.51
N MET D 83 7.34 -42.61 -2.82
CA MET D 83 7.78 -42.98 -4.16
C MET D 83 7.09 -44.27 -4.60
N ASN D 84 6.34 -44.19 -5.70
CA ASN D 84 5.59 -45.34 -6.22
C ASN D 84 5.65 -45.31 -7.74
N SER D 85 6.33 -46.30 -8.32
CA SER D 85 6.38 -46.50 -9.77
C SER D 85 6.91 -45.27 -10.50
N LEU D 86 8.16 -44.93 -10.19
CA LEU D 86 8.83 -43.80 -10.81
C LEU D 86 9.45 -44.23 -12.13
N LYS D 87 9.40 -43.34 -13.12
CA LYS D 87 10.02 -43.62 -14.41
C LYS D 87 11.53 -43.76 -14.24
N PRO D 88 12.18 -44.62 -15.02
CA PRO D 88 13.64 -44.81 -14.87
C PRO D 88 14.44 -43.56 -15.17
N GLU D 89 13.89 -42.59 -15.90
CA GLU D 89 14.63 -41.40 -16.28
C GLU D 89 14.84 -40.44 -15.10
N ASP D 90 14.08 -40.58 -14.02
CA ASP D 90 14.12 -39.62 -12.92
C ASP D 90 15.09 -40.07 -11.82
N THR D 91 16.33 -40.32 -12.22
CA THR D 91 17.41 -40.57 -11.28
C THR D 91 17.94 -39.20 -10.86
N ALA D 92 17.76 -38.83 -9.60
CA ALA D 92 18.06 -37.47 -9.18
C ALA D 92 18.29 -37.42 -7.68
N VAL D 93 18.86 -36.31 -7.23
CA VAL D 93 19.01 -36.02 -5.81
C VAL D 93 17.77 -35.28 -5.35
N TYR D 94 17.14 -35.79 -4.30
CA TYR D 94 15.85 -35.28 -3.83
C TYR D 94 16.07 -34.33 -2.65
N TYR D 95 15.90 -33.04 -2.91
CA TYR D 95 15.99 -31.98 -1.92
C TYR D 95 14.63 -31.71 -1.31
N CYS D 96 14.65 -31.17 -0.10
CA CYS D 96 13.45 -30.75 0.61
C CYS D 96 13.51 -29.23 0.79
N ALA D 97 12.39 -28.55 0.58
CA ALA D 97 12.36 -27.10 0.60
C ALA D 97 11.28 -26.61 1.56
N ARG D 98 11.64 -25.66 2.41
CA ARG D 98 10.70 -24.94 3.24
C ARG D 98 10.54 -23.54 2.68
N CYS D 99 9.30 -23.09 2.55
CA CYS D 99 9.05 -21.77 2.01
C CYS D 99 9.61 -20.70 2.94
N PRO D 100 10.07 -19.57 2.39
CA PRO D 100 10.75 -18.57 3.23
C PRO D 100 9.88 -17.96 4.32
N ALA D 101 8.62 -17.67 4.02
CA ALA D 101 7.86 -16.93 5.02
C ALA D 101 6.75 -17.80 5.62
N PRO D 102 6.43 -17.58 6.90
CA PRO D 102 5.34 -18.33 7.53
C PRO D 102 3.97 -17.71 7.25
N PHE D 103 2.94 -18.53 7.45
CA PHE D 103 1.54 -18.11 7.34
C PHE D 103 1.23 -17.48 6.00
N THR D 104 1.80 -18.04 4.93
CA THR D 104 1.63 -17.48 3.60
C THR D 104 1.86 -18.58 2.58
N ARG D 105 1.62 -18.24 1.31
CA ARG D 105 1.75 -19.20 0.22
C ARG D 105 2.81 -18.84 -0.81
N ASP D 106 3.41 -17.66 -0.72
CA ASP D 106 4.46 -17.29 -1.67
C ASP D 106 5.75 -18.03 -1.33
N CYS D 107 6.34 -18.67 -2.34
CA CYS D 107 7.53 -19.48 -2.15
C CYS D 107 8.47 -19.27 -3.34
N PHE D 108 9.77 -19.11 -3.06
CA PHE D 108 10.81 -19.08 -4.09
C PHE D 108 11.90 -20.04 -3.63
N ASP D 109 11.73 -21.33 -3.95
CA ASP D 109 12.60 -22.39 -3.48
C ASP D 109 13.52 -22.93 -4.56
N VAL D 110 13.51 -22.32 -5.74
CA VAL D 110 14.23 -22.84 -6.89
C VAL D 110 15.55 -22.09 -7.10
N THR D 111 16.11 -21.50 -6.05
CA THR D 111 17.35 -20.76 -6.16
C THR D 111 18.47 -21.66 -6.64
N SER D 112 19.37 -21.10 -7.45
CA SER D 112 20.49 -21.87 -7.98
C SER D 112 21.39 -22.38 -6.86
N THR D 113 21.64 -21.53 -5.86
CA THR D 113 22.41 -21.92 -4.69
C THR D 113 22.05 -20.97 -3.56
N THR D 114 22.75 -21.10 -2.45
CA THR D 114 22.65 -20.24 -1.27
C THR D 114 21.24 -20.16 -0.70
N TYR D 115 20.35 -21.09 -1.06
CA TYR D 115 19.06 -21.18 -0.41
C TYR D 115 19.21 -22.00 0.86
N ALA D 116 19.05 -21.35 2.01
CA ALA D 116 19.42 -21.93 3.29
C ALA D 116 18.49 -23.02 3.77
N TYR D 117 17.35 -23.24 3.11
CA TYR D 117 16.29 -24.05 3.67
C TYR D 117 16.11 -25.33 2.88
N ARG D 118 17.21 -25.87 2.38
CA ARG D 118 17.23 -27.14 1.67
C ARG D 118 18.31 -28.03 2.26
N GLY D 119 17.98 -29.31 2.42
CA GLY D 119 18.92 -30.26 2.98
C GLY D 119 19.97 -30.70 1.98
N GLN D 120 20.88 -31.54 2.46
CA GLN D 120 21.90 -32.13 1.59
C GLN D 120 21.25 -33.02 0.53
N GLY D 121 20.22 -33.76 0.90
CA GLY D 121 19.50 -34.60 -0.04
C GLY D 121 20.09 -35.99 -0.16
N THR D 122 19.31 -36.87 -0.79
CA THR D 122 19.71 -38.24 -1.05
C THR D 122 19.52 -38.54 -2.52
N GLN D 123 20.40 -39.38 -3.07
CA GLN D 123 20.38 -39.72 -4.48
C GLN D 123 19.51 -40.96 -4.71
N VAL D 124 18.43 -40.79 -5.46
CA VAL D 124 17.53 -41.88 -5.81
C VAL D 124 17.81 -42.27 -7.25
N THR D 125 18.15 -43.54 -7.45
CA THR D 125 18.56 -44.07 -8.74
C THR D 125 17.49 -45.05 -9.21
N VAL D 126 16.63 -44.58 -10.11
CA VAL D 126 15.57 -45.39 -10.67
C VAL D 126 15.73 -45.47 -12.18
#